data_2CG3
#
_entry.id   2CG3
#
_cell.length_a   86.100
_cell.length_b   86.100
_cell.length_c   364.100
_cell.angle_alpha   90.00
_cell.angle_beta   90.00
_cell.angle_gamma   120.00
#
_symmetry.space_group_name_H-M   'P 65 2 2'
#
loop_
_entity.id
_entity.type
_entity.pdbx_description
1 polymer SDSA1
2 non-polymer 'ZINC ION'
3 water water
#
_entity_poly.entity_id   1
_entity_poly.type   'polypeptide(L)'
_entity_poly.pdbx_seq_one_letter_code
;(MSE)SRLLALLALAPLLAGAAETTAPKPPSAFTVEAQRRVEAELPFADRADFERADRGLIRRPERLLIRNPDGSVAWQL
GGYDFLLDGKPRDSINPSLQRQALLNLKYGLFEVAEGIYQVRGFDLANITFIRGDSGWIVVDTLTTPATARAAYELVSRE
LGERPIRTVIYSHAHADHFGGVRGLVEPQQVASGAVQIIAPAGF(MSE)EAAIKENVLAGNA(MSE)(MSE)RRATYQYG
TQLPKGPQGQVD(MSE)AIGKGLARGPLSLLAPTRLIEGEGEDLVLDGVPFTFQNTPGTESPAE(MSE)NIWLPRQKALL
(MSE)AENVVGTLHNLYTLRGAEVRDALGWSKYINQALHRFGRQAEV(MSE)FAVHNWPRWGNAEIVEVLEKQRDLYGYL
HDQTLHLANQGVTIGQVHNRLRLPPSLDQEWYDRGYHGSVSHNARAVLNRYLGYYDGNPATLDPLSPEDSAGRYVEY
(MSE)GGAERLLEQARASYARGEYRWVVEVVNRLVFAEPDNRAARELQADALEQLGYQAENAGWRNSYLSAAYELRHGVP
RDQPT(MSE)KAGSADALAA(MSE)DTGLLFDYLGVRLDAGAAEGKALSINLRLPDIGENYLLELKNSHLNNLRGVQSED
AGQTVSIDRADLNRLLLKEVSAVRLVFEGKLKSSGNPLLLGQLFG(MSE)LGDFDFWFDIVTPAAKSEG
;
_entity_poly.pdbx_strand_id   A
#
loop_
_chem_comp.id
_chem_comp.type
_chem_comp.name
_chem_comp.formula
ZN non-polymer 'ZINC ION' 'Zn 2'
#
# COMPACT_ATOMS: atom_id res chain seq x y z
N THR A 20 24.02 -24.06 6.95
CA THR A 20 24.20 -22.60 7.32
C THR A 20 23.03 -21.70 6.90
N THR A 21 22.85 -20.65 7.75
CA THR A 21 21.75 -19.66 7.76
C THR A 21 22.08 -18.12 7.75
N ALA A 22 23.16 -17.63 7.13
CA ALA A 22 23.16 -16.17 6.87
C ALA A 22 23.02 -15.96 5.34
N PRO A 23 22.73 -14.73 4.89
CA PRO A 23 22.60 -14.46 3.48
C PRO A 23 23.83 -14.98 2.71
N LYS A 24 23.66 -15.68 1.57
CA LYS A 24 24.78 -16.12 0.77
C LYS A 24 25.17 -15.11 -0.34
N PRO A 25 26.37 -15.31 -0.97
CA PRO A 25 26.74 -14.39 -2.08
C PRO A 25 25.87 -14.67 -3.32
N PRO A 26 25.64 -13.65 -4.17
CA PRO A 26 25.01 -13.94 -5.49
C PRO A 26 25.65 -15.15 -6.18
N SER A 27 24.89 -16.13 -6.64
CA SER A 27 25.47 -17.24 -7.43
C SER A 27 26.03 -16.71 -8.81
N ALA A 28 26.90 -17.48 -9.48
CA ALA A 28 27.21 -17.21 -10.89
C ALA A 28 25.99 -16.95 -11.82
N PHE A 29 24.86 -17.62 -11.56
CA PHE A 29 23.62 -17.41 -12.36
C PHE A 29 22.98 -16.08 -12.06
N THR A 30 22.99 -15.71 -10.79
CA THR A 30 22.41 -14.46 -10.44
C THR A 30 23.27 -13.36 -10.99
N VAL A 31 24.60 -13.55 -10.90
CA VAL A 31 25.51 -12.57 -11.47
C VAL A 31 25.11 -12.34 -12.93
N GLU A 32 25.02 -13.44 -13.69
N GLU A 32 24.99 -13.43 -13.68
CA GLU A 32 24.63 -13.41 -15.12
CA GLU A 32 24.59 -13.31 -15.09
C GLU A 32 23.20 -12.82 -15.37
C GLU A 32 23.22 -12.68 -15.29
N ALA A 33 22.25 -13.09 -14.47
CA ALA A 33 20.91 -12.46 -14.57
C ALA A 33 21.06 -10.90 -14.44
N GLN A 34 21.86 -10.46 -13.47
CA GLN A 34 22.06 -9.02 -13.34
C GLN A 34 22.66 -8.45 -14.60
N ARG A 35 23.66 -9.16 -15.18
CA ARG A 35 24.23 -8.76 -16.45
C ARG A 35 23.22 -8.67 -17.53
N ARG A 36 22.32 -9.66 -17.65
N ARG A 36 22.31 -9.65 -17.64
CA ARG A 36 21.25 -9.63 -18.66
CA ARG A 36 21.26 -9.61 -18.68
C ARG A 36 20.38 -8.36 -18.55
C ARG A 36 20.38 -8.34 -18.56
N VAL A 37 20.13 -7.90 -17.32
CA VAL A 37 19.36 -6.76 -17.09
C VAL A 37 20.06 -5.54 -17.66
N GLU A 38 21.35 -5.38 -17.43
CA GLU A 38 22.03 -4.22 -18.01
C GLU A 38 22.11 -4.25 -19.51
N ALA A 39 22.09 -5.42 -20.12
CA ALA A 39 22.06 -5.51 -21.61
C ALA A 39 20.71 -5.12 -22.15
N GLU A 40 19.66 -5.40 -21.35
CA GLU A 40 18.29 -5.23 -21.79
C GLU A 40 17.75 -3.82 -21.59
N LEU A 41 18.35 -3.03 -20.69
CA LEU A 41 17.66 -1.85 -20.27
C LEU A 41 18.48 -0.63 -20.60
N PRO A 42 17.83 0.52 -20.80
CA PRO A 42 18.61 1.69 -21.20
C PRO A 42 19.36 2.48 -20.17
N PHE A 43 20.37 1.87 -19.53
CA PHE A 43 21.19 2.57 -18.51
C PHE A 43 21.87 3.83 -19.04
N ALA A 44 22.03 3.90 -20.34
CA ALA A 44 22.55 5.13 -20.97
C ALA A 44 21.49 6.30 -20.92
N ASP A 45 20.24 5.96 -20.71
CA ASP A 45 19.25 7.02 -20.47
C ASP A 45 19.34 7.37 -18.95
N ARG A 46 20.05 8.48 -18.68
CA ARG A 46 20.43 8.93 -17.34
C ARG A 46 19.67 10.16 -16.93
N ALA A 47 18.66 10.52 -17.71
CA ALA A 47 18.03 11.81 -17.50
C ALA A 47 17.30 11.83 -16.16
N ASP A 48 16.74 10.71 -15.68
CA ASP A 48 16.12 10.75 -14.31
C ASP A 48 17.00 11.42 -13.23
N PHE A 49 18.34 11.22 -13.28
CA PHE A 49 19.31 11.80 -12.33
C PHE A 49 19.35 13.37 -12.40
N GLU A 50 19.30 13.86 -13.63
N GLU A 50 19.32 13.95 -13.59
CA GLU A 50 19.18 15.27 -13.95
CA GLU A 50 19.17 15.39 -13.65
C GLU A 50 17.80 15.84 -13.51
C GLU A 50 17.79 15.75 -13.07
N ARG A 51 16.76 15.01 -13.45
CA ARG A 51 15.42 15.38 -13.01
C ARG A 51 15.21 15.37 -11.52
N ALA A 52 15.63 14.29 -10.84
CA ALA A 52 15.52 14.19 -9.39
C ALA A 52 16.37 15.23 -8.65
N ASP A 53 17.31 15.90 -9.32
CA ASP A 53 18.10 16.96 -8.70
C ASP A 53 17.63 18.34 -9.08
N ARG A 54 16.93 18.48 -10.17
CA ARG A 54 16.56 19.82 -10.64
C ARG A 54 15.72 20.49 -9.55
N GLY A 55 15.89 21.83 -9.43
CA GLY A 55 15.27 22.70 -8.43
C GLY A 55 15.54 22.44 -6.97
N LEU A 56 16.51 21.59 -6.69
CA LEU A 56 16.87 21.31 -5.27
C LEU A 56 17.25 22.58 -4.53
N ILE A 57 16.62 22.86 -3.41
CA ILE A 57 16.91 24.03 -2.59
C ILE A 57 17.71 23.66 -1.35
N ARG A 58 17.40 22.51 -0.76
CA ARG A 58 18.13 22.01 0.39
C ARG A 58 17.97 20.52 0.59
N ARG A 59 19.07 19.84 0.85
CA ARG A 59 19.07 18.47 1.33
C ARG A 59 19.74 18.44 2.72
N PRO A 60 18.96 18.29 3.79
CA PRO A 60 19.68 18.25 5.06
C PRO A 60 20.70 17.10 5.05
N GLU A 61 21.82 17.38 5.72
CA GLU A 61 23.01 16.54 5.84
C GLU A 61 22.64 15.11 6.22
N ARG A 62 21.85 14.98 7.27
CA ARG A 62 21.48 13.66 7.78
CA ARG A 62 21.43 13.65 7.66
C ARG A 62 20.03 13.84 8.13
N LEU A 63 19.20 12.85 7.84
CA LEU A 63 17.82 12.97 8.15
C LEU A 63 17.43 11.94 9.17
N LEU A 64 17.02 12.43 10.34
CA LEU A 64 16.49 11.59 11.37
C LEU A 64 15.22 12.15 12.09
N ILE A 65 14.09 11.49 11.92
CA ILE A 65 12.85 12.04 12.44
C ILE A 65 12.27 11.22 13.58
N ARG A 66 12.01 11.87 14.69
N ARG A 66 12.03 11.87 14.72
CA ARG A 66 11.58 11.17 15.91
CA ARG A 66 11.60 11.16 15.92
C ARG A 66 10.11 11.42 16.20
C ARG A 66 10.14 11.45 16.29
N ASN A 67 9.47 10.41 16.76
CA ASN A 67 8.08 10.48 17.24
C ASN A 67 7.91 11.06 18.63
N PRO A 68 6.71 11.59 18.94
CA PRO A 68 6.48 12.06 20.33
C PRO A 68 6.84 11.02 21.34
N ASP A 69 6.45 9.75 21.17
CA ASP A 69 6.92 8.74 22.13
C ASP A 69 8.40 8.35 22.02
N GLY A 70 9.22 9.11 21.27
CA GLY A 70 10.66 8.80 21.14
C GLY A 70 11.13 7.65 20.23
N SER A 71 10.24 6.85 19.67
CA SER A 71 10.63 5.91 18.61
C SER A 71 11.12 6.72 17.41
N VAL A 72 11.75 6.05 16.45
CA VAL A 72 12.24 6.71 15.27
C VAL A 72 11.25 6.51 14.12
N ALA A 73 10.88 7.61 13.48
CA ALA A 73 9.86 7.54 12.46
C ALA A 73 10.45 7.25 11.07
N TRP A 74 11.62 7.83 10.82
CA TRP A 74 12.24 7.85 9.52
C TRP A 74 13.74 8.18 9.63
N GLN A 75 14.52 7.62 8.71
CA GLN A 75 15.94 7.91 8.73
C GLN A 75 16.58 7.36 7.47
N LEU A 76 17.47 8.11 6.84
CA LEU A 76 18.09 7.64 5.60
C LEU A 76 19.53 7.08 5.72
N GLY A 77 20.23 7.34 6.86
CA GLY A 77 21.60 6.86 7.03
C GLY A 77 21.86 5.38 6.68
N GLY A 78 20.87 4.50 6.91
CA GLY A 78 21.07 3.05 6.56
C GLY A 78 21.18 2.78 5.04
N TYR A 79 20.88 3.79 4.22
CA TYR A 79 20.99 3.59 2.80
C TYR A 79 22.37 4.05 2.30
N ASP A 80 23.28 4.31 3.22
CA ASP A 80 24.60 4.83 2.81
C ASP A 80 25.34 3.98 1.83
N PHE A 81 25.23 2.67 1.97
CA PHE A 81 25.92 1.73 1.12
C PHE A 81 25.68 2.00 -0.32
N LEU A 82 24.55 2.60 -0.69
CA LEU A 82 24.23 2.89 -2.03
C LEU A 82 24.87 4.18 -2.52
N LEU A 83 25.20 5.10 -1.62
CA LEU A 83 25.71 6.42 -2.06
C LEU A 83 27.05 6.24 -2.86
N ASP A 84 27.89 5.27 -2.47
CA ASP A 84 29.16 5.02 -3.19
C ASP A 84 28.96 4.79 -4.69
N GLY A 85 27.72 4.63 -5.16
CA GLY A 85 27.41 4.37 -6.59
C GLY A 85 27.66 2.95 -7.16
N LYS A 86 28.68 2.27 -6.64
N LYS A 86 28.67 2.26 -6.60
CA LYS A 86 29.15 1.00 -7.18
CA LYS A 86 29.11 0.90 -7.01
C LYS A 86 28.15 -0.23 -7.16
C LYS A 86 28.00 -0.22 -7.18
N PRO A 87 28.06 -1.01 -8.29
CA PRO A 87 27.25 -2.24 -8.53
C PRO A 87 27.30 -3.25 -7.44
N ARG A 88 26.17 -3.90 -7.12
CA ARG A 88 26.13 -4.96 -6.10
C ARG A 88 25.28 -6.08 -6.66
N ASP A 89 25.95 -7.15 -7.03
CA ASP A 89 25.26 -8.13 -7.80
C ASP A 89 24.19 -8.81 -6.99
N SER A 90 24.04 -8.53 -5.68
CA SER A 90 22.93 -9.04 -4.93
C SER A 90 21.74 -8.10 -4.99
N ILE A 91 21.85 -7.05 -5.83
CA ILE A 91 20.71 -6.20 -6.09
C ILE A 91 20.49 -6.10 -7.60
N ASN A 92 19.23 -6.14 -8.04
CA ASN A 92 18.97 -6.10 -9.45
C ASN A 92 19.42 -4.70 -9.91
N PRO A 93 20.18 -4.61 -11.02
CA PRO A 93 20.76 -3.22 -11.26
C PRO A 93 19.74 -2.15 -11.57
N SER A 94 18.61 -2.53 -12.19
CA SER A 94 17.53 -1.59 -12.45
C SER A 94 16.94 -1.16 -11.11
N LEU A 95 16.80 -2.10 -10.20
CA LEU A 95 16.26 -1.73 -8.90
C LEU A 95 17.23 -0.82 -8.16
N GLN A 96 18.53 -1.04 -8.38
CA GLN A 96 19.54 -0.24 -7.75
C GLN A 96 19.48 1.19 -8.28
N ARG A 97 19.27 1.37 -9.58
CA ARG A 97 19.04 2.67 -10.14
C ARG A 97 17.87 3.38 -9.45
N GLN A 98 16.72 2.71 -9.31
CA GLN A 98 15.52 3.34 -8.69
C GLN A 98 15.83 3.65 -7.24
N ALA A 99 16.57 2.76 -6.62
CA ALA A 99 17.01 2.91 -5.22
C ALA A 99 17.81 4.18 -4.93
N LEU A 100 18.75 4.48 -5.80
CA LEU A 100 19.56 5.70 -5.70
C LEU A 100 18.76 6.94 -5.93
N LEU A 101 17.89 6.92 -6.95
CA LEU A 101 17.10 8.07 -7.27
C LEU A 101 16.25 8.45 -6.09
N ASN A 102 15.60 7.44 -5.49
CA ASN A 102 14.76 7.67 -4.34
C ASN A 102 15.52 8.28 -3.19
N LEU A 103 16.84 8.17 -3.20
CA LEU A 103 17.67 8.83 -2.17
C LEU A 103 17.86 10.32 -2.42
N LYS A 104 17.24 10.86 -3.46
CA LYS A 104 17.43 12.24 -3.86
C LYS A 104 16.35 12.97 -3.13
N TYR A 105 16.52 13.16 -1.82
CA TYR A 105 15.55 13.81 -0.93
C TYR A 105 15.78 15.34 -0.65
N GLY A 106 14.73 16.02 -0.16
CA GLY A 106 14.86 17.31 0.41
C GLY A 106 13.76 18.22 -0.07
N LEU A 107 14.05 19.53 -0.07
CA LEU A 107 13.10 20.56 -0.50
C LEU A 107 13.41 20.87 -1.91
N PHE A 108 12.41 20.82 -2.81
CA PHE A 108 12.71 21.12 -4.23
C PHE A 108 11.75 22.14 -4.78
N GLU A 109 12.18 22.98 -5.71
CA GLU A 109 11.25 23.76 -6.45
C GLU A 109 10.80 22.94 -7.65
N VAL A 110 9.49 22.97 -7.92
CA VAL A 110 8.93 22.35 -9.14
C VAL A 110 8.64 23.40 -10.21
N ALA A 111 8.12 24.52 -9.79
CA ALA A 111 7.81 25.65 -10.68
C ALA A 111 7.50 26.86 -9.73
N GLU A 112 7.33 28.05 -10.30
CA GLU A 112 7.15 29.27 -9.55
C GLU A 112 6.02 29.03 -8.54
N GLY A 113 6.35 29.22 -7.27
CA GLY A 113 5.44 28.96 -6.21
C GLY A 113 5.03 27.49 -5.98
N ILE A 114 5.71 26.50 -6.59
CA ILE A 114 5.39 25.10 -6.30
C ILE A 114 6.59 24.35 -5.73
N TYR A 115 6.55 23.97 -4.47
CA TYR A 115 7.63 23.18 -3.83
C TYR A 115 7.23 21.74 -3.44
N GLN A 116 8.21 20.85 -3.35
CA GLN A 116 8.02 19.48 -2.78
C GLN A 116 9.05 19.19 -1.69
N VAL A 117 8.63 18.49 -0.64
CA VAL A 117 9.61 17.79 0.12
C VAL A 117 9.43 16.34 -0.27
N ARG A 118 10.50 15.72 -0.79
CA ARG A 118 10.57 14.33 -1.20
C ARG A 118 11.46 13.53 -0.28
N GLY A 119 11.16 12.26 -0.03
CA GLY A 119 12.12 11.42 0.73
C GLY A 119 12.12 11.64 2.25
N PHE A 120 11.09 12.29 2.74
CA PHE A 120 10.84 12.41 4.16
C PHE A 120 9.92 11.32 4.65
N ASP A 121 9.47 10.45 3.72
CA ASP A 121 8.49 9.39 3.95
C ASP A 121 8.27 8.70 2.59
N LEU A 122 7.32 7.78 2.50
CA LEU A 122 7.08 7.06 1.26
C LEU A 122 6.68 7.98 0.11
N ALA A 123 5.87 9.00 0.43
CA ALA A 123 5.20 9.87 -0.53
C ALA A 123 5.88 11.21 -0.47
N ASN A 124 5.58 12.05 -1.46
CA ASN A 124 5.96 13.47 -1.40
C ASN A 124 4.87 14.30 -0.67
N ILE A 125 5.24 15.50 -0.20
CA ILE A 125 4.32 16.49 0.28
C ILE A 125 4.53 17.75 -0.56
N THR A 126 3.44 18.42 -0.88
CA THR A 126 3.53 19.53 -1.84
C THR A 126 3.02 20.84 -1.22
N PHE A 127 3.85 21.87 -1.34
CA PHE A 127 3.51 23.18 -0.78
C PHE A 127 3.32 24.14 -1.95
N ILE A 128 2.08 24.58 -2.18
CA ILE A 128 1.80 25.69 -3.11
C ILE A 128 1.59 27.09 -2.39
N ARG A 129 2.36 28.08 -2.87
N ARG A 129 2.37 28.08 -2.86
CA ARG A 129 2.30 29.49 -2.50
CA ARG A 129 2.30 29.50 -2.45
C ARG A 129 0.96 30.07 -2.80
C ARG A 129 0.96 30.08 -2.79
N GLY A 130 0.21 30.42 -1.74
CA GLY A 130 -1.04 31.18 -1.85
C GLY A 130 -0.69 32.63 -1.57
N ASP A 131 -1.65 33.54 -1.73
CA ASP A 131 -1.32 34.92 -1.42
C ASP A 131 -0.99 35.15 0.03
N SER A 132 -1.62 34.38 0.93
CA SER A 132 -1.54 34.65 2.37
C SER A 132 -0.93 33.51 3.13
N GLY A 133 -0.72 32.38 2.46
CA GLY A 133 -0.18 31.20 3.14
C GLY A 133 0.07 30.01 2.24
N TRP A 134 0.16 28.80 2.82
CA TRP A 134 0.38 27.62 1.98
C TRP A 134 -0.88 26.89 1.59
N ILE A 135 -0.95 26.43 0.34
CA ILE A 135 -1.88 25.32 0.10
C ILE A 135 -1.03 24.06 0.09
N VAL A 136 -1.36 23.07 0.90
CA VAL A 136 -0.53 21.85 0.97
C VAL A 136 -1.23 20.66 0.30
N VAL A 137 -0.57 19.97 -0.62
CA VAL A 137 -1.18 18.76 -1.09
C VAL A 137 -0.61 17.57 -0.39
N ASP A 138 -1.43 16.78 0.28
CA ASP A 138 -1.01 15.55 1.01
C ASP A 138 -0.15 15.86 2.31
N THR A 139 -0.02 14.88 3.23
CA THR A 139 0.47 15.13 4.55
C THR A 139 1.42 14.02 5.01
N LEU A 140 2.02 13.29 4.05
CA LEU A 140 2.84 12.10 4.38
C LEU A 140 2.10 11.02 5.27
N THR A 141 2.87 10.10 5.85
CA THR A 141 2.27 8.99 6.57
C THR A 141 1.86 9.23 8.05
N THR A 142 2.59 10.10 8.80
CA THR A 142 2.47 10.22 10.23
C THR A 142 2.92 11.65 10.57
N PRO A 143 2.36 12.23 11.65
CA PRO A 143 2.63 13.59 11.97
C PRO A 143 4.05 13.95 12.05
N ALA A 144 4.90 13.14 12.68
CA ALA A 144 6.27 13.64 12.82
C ALA A 144 6.91 13.96 11.48
N THR A 145 6.57 13.25 10.37
CA THR A 145 7.31 13.50 9.13
C THR A 145 6.76 14.73 8.43
N ALA A 146 5.46 14.96 8.60
CA ALA A 146 4.81 16.20 8.14
C ALA A 146 5.43 17.41 8.83
N ARG A 147 5.45 17.35 10.19
CA ARG A 147 5.95 18.51 10.99
C ARG A 147 7.35 18.80 10.41
N ALA A 148 8.08 17.72 10.13
CA ALA A 148 9.44 17.88 9.75
C ALA A 148 9.61 18.45 8.34
N ALA A 149 8.79 17.97 7.40
CA ALA A 149 8.73 18.57 6.08
C ALA A 149 8.47 20.09 6.16
N TYR A 150 7.48 20.44 7.00
CA TYR A 150 7.09 21.81 7.19
C TYR A 150 8.20 22.64 7.79
N GLU A 151 8.90 22.10 8.81
CA GLU A 151 10.03 22.79 9.45
C GLU A 151 11.04 23.21 8.39
N LEU A 152 11.25 22.32 7.47
CA LEU A 152 12.23 22.48 6.48
C LEU A 152 11.80 23.55 5.53
N VAL A 153 10.56 23.48 5.06
CA VAL A 153 9.98 24.56 4.20
C VAL A 153 10.17 25.91 4.87
N SER A 154 9.86 25.95 6.17
CA SER A 154 9.83 27.22 6.91
C SER A 154 11.23 27.76 7.11
N ARG A 155 12.30 26.94 7.10
CA ARG A 155 13.65 27.51 7.28
C ARG A 155 14.11 28.03 5.93
N GLU A 156 13.65 27.43 4.84
CA GLU A 156 14.30 27.76 3.62
C GLU A 156 13.54 28.86 2.91
N LEU A 157 12.21 28.90 3.13
CA LEU A 157 11.32 29.76 2.32
C LEU A 157 10.57 30.82 3.12
N GLY A 158 10.69 30.78 4.43
CA GLY A 158 9.92 31.66 5.23
C GLY A 158 8.75 30.89 5.80
N GLU A 159 8.54 31.04 7.12
CA GLU A 159 7.42 30.50 7.78
C GLU A 159 6.12 31.19 7.32
N ARG A 160 5.16 30.37 6.90
N ARG A 160 5.18 30.36 6.87
CA ARG A 160 3.88 30.84 6.45
CA ARG A 160 3.87 30.80 6.44
C ARG A 160 2.85 29.88 7.04
C ARG A 160 2.89 29.91 7.17
N PRO A 161 1.68 30.41 7.46
CA PRO A 161 0.59 29.50 7.95
C PRO A 161 0.04 28.57 6.84
N ILE A 162 -0.57 27.46 7.23
CA ILE A 162 -1.20 26.58 6.26
C ILE A 162 -2.68 26.96 6.24
N ARG A 163 -3.23 27.27 5.07
CA ARG A 163 -4.66 27.66 4.98
C ARG A 163 -5.52 26.52 4.46
N THR A 164 -4.94 25.75 3.55
CA THR A 164 -5.59 24.60 2.97
C THR A 164 -4.73 23.36 2.95
N VAL A 165 -5.25 22.29 3.52
CA VAL A 165 -4.69 21.01 3.21
C VAL A 165 -5.61 20.27 2.15
N ILE A 166 -4.97 19.60 1.18
CA ILE A 166 -5.73 18.87 0.18
C ILE A 166 -5.31 17.41 0.20
N TYR A 167 -6.23 16.44 0.31
CA TYR A 167 -5.84 15.03 0.23
C TYR A 167 -6.10 14.58 -1.17
N SER A 168 -5.03 14.19 -1.86
CA SER A 168 -5.13 13.84 -3.27
C SER A 168 -5.76 12.48 -3.42
N HIS A 169 -5.74 11.70 -2.36
CA HIS A 169 -6.41 10.40 -2.38
C HIS A 169 -6.46 9.64 -1.09
N ALA A 170 -7.41 8.71 -1.03
CA ALA A 170 -7.74 8.05 0.21
C ALA A 170 -6.80 6.97 0.68
N HIS A 171 -5.50 7.23 0.73
CA HIS A 171 -4.51 6.38 1.39
C HIS A 171 -3.72 7.05 2.50
N ALA A 172 -3.49 6.23 3.55
CA ALA A 172 -2.70 6.48 4.74
C ALA A 172 -1.38 7.25 4.54
N ASP A 173 -0.68 6.98 3.45
CA ASP A 173 0.57 7.70 3.22
C ASP A 173 0.27 9.04 2.55
N HIS A 174 -1.01 9.39 2.46
CA HIS A 174 -1.41 10.74 2.07
C HIS A 174 -2.15 11.57 3.13
N PHE A 175 -2.97 10.95 3.98
CA PHE A 175 -3.62 11.68 5.04
C PHE A 175 -2.98 11.41 6.38
N GLY A 176 -2.06 10.45 6.46
CA GLY A 176 -1.56 10.00 7.75
C GLY A 176 -0.89 11.02 8.67
N GLY A 177 -0.14 11.95 8.11
CA GLY A 177 0.49 12.91 8.96
C GLY A 177 -0.19 14.26 9.04
N VAL A 178 -1.47 14.34 8.69
CA VAL A 178 -2.20 15.60 8.85
C VAL A 178 -2.09 16.35 10.22
N ARG A 179 -2.21 15.63 11.36
CA ARG A 179 -2.07 16.26 12.69
C ARG A 179 -0.68 16.83 12.89
N GLY A 180 0.28 16.43 12.07
CA GLY A 180 1.54 17.09 12.11
C GLY A 180 1.52 18.47 11.54
N LEU A 181 0.48 18.84 10.75
CA LEU A 181 0.42 20.15 10.04
C LEU A 181 -0.62 21.12 10.63
N VAL A 182 -1.78 20.56 11.00
CA VAL A 182 -2.87 21.32 11.55
C VAL A 182 -3.66 20.65 12.78
N GLU A 183 -4.29 21.48 13.60
CA GLU A 183 -5.09 20.98 14.72
C GLU A 183 -6.60 21.12 14.50
N PRO A 184 -7.39 20.21 15.04
CA PRO A 184 -8.85 20.29 14.96
C PRO A 184 -9.48 21.66 15.20
N GLN A 185 -9.06 22.39 16.21
CA GLN A 185 -9.46 23.80 16.48
C GLN A 185 -9.29 24.70 15.25
N GLN A 186 -8.30 24.43 14.41
CA GLN A 186 -8.09 25.22 13.25
C GLN A 186 -9.08 24.82 12.19
N VAL A 187 -9.37 23.53 12.12
CA VAL A 187 -10.39 23.15 11.21
C VAL A 187 -11.74 23.74 11.71
N ALA A 188 -12.04 23.61 13.01
CA ALA A 188 -13.33 24.05 13.58
C ALA A 188 -13.61 25.56 13.41
N SER A 189 -12.62 26.43 13.72
CA SER A 189 -12.76 27.86 13.44
C SER A 189 -12.92 28.22 11.93
N GLY A 190 -12.54 27.35 10.99
CA GLY A 190 -12.58 27.76 9.57
C GLY A 190 -11.23 28.34 9.11
N ALA A 191 -10.22 28.35 10.03
CA ALA A 191 -8.87 28.81 9.64
C ALA A 191 -8.24 27.95 8.59
N VAL A 192 -8.58 26.68 8.56
CA VAL A 192 -8.00 25.71 7.68
C VAL A 192 -9.16 24.93 7.09
N GLN A 193 -9.15 24.80 5.77
CA GLN A 193 -10.06 23.88 5.05
C GLN A 193 -9.26 22.60 4.68
N ILE A 194 -9.95 21.45 4.73
CA ILE A 194 -9.37 20.23 4.22
C ILE A 194 -10.28 19.84 3.05
N ILE A 195 -9.64 19.64 1.89
CA ILE A 195 -10.28 19.35 0.66
C ILE A 195 -9.93 17.88 0.23
N ALA A 196 -10.93 17.10 -0.14
CA ALA A 196 -10.67 15.78 -0.68
C ALA A 196 -11.71 15.43 -1.73
N PRO A 197 -11.46 14.40 -2.53
CA PRO A 197 -12.46 13.94 -3.49
C PRO A 197 -13.68 13.38 -2.77
N ALA A 198 -14.87 13.59 -3.35
CA ALA A 198 -16.13 13.03 -2.78
C ALA A 198 -15.89 11.54 -2.45
N GLY A 199 -16.44 10.99 -1.40
CA GLY A 199 -16.01 9.58 -1.25
C GLY A 199 -14.59 9.33 -0.72
N PHE A 200 -13.90 10.39 -0.30
CA PHE A 200 -12.75 10.23 0.58
C PHE A 200 -13.04 9.33 1.83
N MSE A 201 -14.13 9.57 2.53
CA MSE A 201 -14.41 8.92 3.82
C MSE A 201 -14.87 7.46 3.74
O MSE A 201 -14.59 6.67 4.66
CB MSE A 201 -15.41 9.79 4.61
CG MSE A 201 -14.72 11.09 5.13
SE MSE A 201 -13.10 10.80 6.39
CE MSE A 201 -14.18 10.06 7.95
N GLU A 202 -15.58 7.11 2.64
CA GLU A 202 -15.92 5.75 2.28
C GLU A 202 -14.67 4.96 1.98
N ALA A 203 -13.62 5.59 1.42
CA ALA A 203 -12.46 4.80 0.96
C ALA A 203 -11.23 4.86 1.87
N ALA A 204 -11.24 5.82 2.78
CA ALA A 204 -10.07 6.04 3.65
C ALA A 204 -9.81 4.78 4.49
N ILE A 205 -10.92 4.17 4.94
CA ILE A 205 -10.98 2.91 5.71
C ILE A 205 -11.45 1.65 4.93
N VAL A 209 -9.50 -3.37 6.05
CA VAL A 209 -10.04 -3.53 7.42
C VAL A 209 -10.56 -4.99 7.72
N LEU A 210 -11.50 -5.49 6.94
CA LEU A 210 -12.10 -6.74 7.32
C LEU A 210 -11.17 -7.91 7.12
N ALA A 211 -10.13 -7.74 6.33
CA ALA A 211 -9.12 -8.79 6.33
C ALA A 211 -7.78 -8.22 6.82
N GLY A 212 -7.86 -7.25 7.71
CA GLY A 212 -6.75 -6.49 8.12
C GLY A 212 -5.63 -7.23 8.74
N ASN A 213 -5.86 -8.23 9.58
CA ASN A 213 -4.72 -8.95 10.10
C ASN A 213 -3.95 -9.68 9.01
N ALA A 214 -4.64 -10.25 8.03
CA ALA A 214 -4.05 -10.99 6.98
C ALA A 214 -3.24 -10.05 6.12
N MSE A 215 -3.85 -8.98 5.67
CA MSE A 215 -3.11 -8.02 4.91
C MSE A 215 -1.84 -7.53 5.58
O MSE A 215 -0.76 -7.55 4.94
CB MSE A 215 -3.96 -6.83 4.54
CG MSE A 215 -4.81 -7.14 3.41
SE MSE A 215 -5.99 -5.67 2.97
CE MSE A 215 -7.37 -5.84 4.38
N MSE A 216 -1.97 -7.08 6.84
N MSE A 216 -1.97 -7.12 6.84
CA MSE A 216 -0.87 -6.49 7.56
CA MSE A 216 -0.89 -6.49 7.56
C MSE A 216 0.28 -7.48 7.54
C MSE A 216 0.19 -7.48 7.93
O MSE A 216 1.46 -7.14 7.70
O MSE A 216 1.41 -7.19 7.78
CB MSE A 216 -1.26 -6.13 9.00
CB MSE A 216 -1.38 -5.77 8.80
CG MSE A 216 -2.04 -4.84 9.16
CG MSE A 216 -1.58 -4.31 8.57
SE MSE A 216 -2.92 -4.54 10.94
SE MSE A 216 -2.12 -3.30 10.17
CE MSE A 216 -1.30 -4.50 12.10
CE MSE A 216 -4.08 -3.26 9.85
N ARG A 217 0.05 -9.07 8.30
CA ARG A 217 0.99 -10.10 8.30
C ARG A 217 1.65 -10.19 6.94
N ARG A 218 0.86 -10.31 5.85
CA ARG A 218 1.46 -10.48 4.52
C ARG A 218 2.33 -9.34 4.14
N ALA A 219 1.99 -8.11 4.59
CA ALA A 219 2.79 -6.90 4.27
C ALA A 219 4.13 -6.92 4.93
N THR A 220 4.33 -7.75 5.97
CA THR A 220 5.65 -7.80 6.51
C THR A 220 6.66 -8.31 5.50
N TYR A 221 6.18 -9.10 4.53
CA TYR A 221 7.01 -9.63 3.47
C TYR A 221 7.28 -8.51 2.43
N GLN A 222 6.20 -7.93 1.93
N GLN A 222 6.20 -7.94 1.90
CA GLN A 222 6.24 -6.92 0.86
CA GLN A 222 6.29 -6.87 0.88
C GLN A 222 7.08 -5.72 1.27
C GLN A 222 7.20 -5.76 1.31
N TYR A 223 6.95 -5.26 2.50
CA TYR A 223 7.74 -4.14 3.05
C TYR A 223 9.07 -4.58 3.65
N GLY A 224 9.21 -5.86 3.95
CA GLY A 224 10.49 -6.27 4.47
C GLY A 224 10.74 -5.74 5.85
N THR A 225 9.72 -5.79 6.69
CA THR A 225 9.80 -5.16 7.96
C THR A 225 10.84 -5.77 8.86
N GLN A 226 11.26 -6.99 8.60
CA GLN A 226 12.33 -7.62 9.38
C GLN A 226 13.65 -7.70 8.68
N LEU A 227 13.82 -7.09 7.50
CA LEU A 227 15.13 -7.19 6.84
C LEU A 227 16.03 -6.01 7.30
N PRO A 228 17.36 -6.23 7.32
CA PRO A 228 18.23 -5.06 7.62
C PRO A 228 18.20 -4.15 6.38
N LYS A 229 18.49 -2.87 6.53
CA LYS A 229 18.69 -2.06 5.30
C LYS A 229 20.04 -2.51 4.85
N GLY A 230 20.21 -2.91 3.59
CA GLY A 230 21.50 -3.44 3.16
C GLY A 230 21.48 -4.24 1.86
N PRO A 231 22.66 -4.52 1.31
CA PRO A 231 22.58 -5.12 -0.02
C PRO A 231 22.01 -6.52 0.03
N GLN A 232 21.79 -7.04 1.20
CA GLN A 232 21.20 -8.34 1.25
C GLN A 232 19.86 -8.35 1.95
N GLY A 233 19.29 -7.15 2.15
CA GLY A 233 17.96 -6.94 2.74
C GLY A 233 17.19 -5.88 1.95
N GLN A 234 16.43 -5.05 2.69
CA GLN A 234 15.61 -3.93 2.12
C GLN A 234 16.62 -2.94 1.41
N VAL A 235 16.32 -2.45 0.21
CA VAL A 235 17.11 -1.44 -0.39
C VAL A 235 16.26 -0.29 -0.87
N ASP A 236 14.92 -0.49 -0.98
CA ASP A 236 13.96 0.50 -1.53
C ASP A 236 12.48 0.01 -1.45
N MSE A 237 11.53 0.89 -1.74
CA MSE A 237 10.15 0.54 -1.96
C MSE A 237 9.55 1.17 -3.27
O MSE A 237 8.36 1.50 -3.33
CB MSE A 237 9.36 0.95 -0.72
CG MSE A 237 8.05 0.22 -0.54
SE MSE A 237 8.24 -1.77 -0.41
CE MSE A 237 6.78 -2.27 -1.73
N ALA A 238 10.37 1.32 -4.30
CA ALA A 238 9.89 1.70 -5.64
C ALA A 238 9.38 3.12 -5.79
N ILE A 239 8.26 3.37 -5.09
CA ILE A 239 7.61 4.67 -5.03
C ILE A 239 8.19 5.53 -3.89
N GLY A 240 9.07 4.95 -3.07
CA GLY A 240 9.79 5.70 -2.02
C GLY A 240 10.83 4.77 -1.38
N LYS A 241 11.53 5.25 -0.37
CA LYS A 241 12.53 4.41 0.27
C LYS A 241 11.88 3.34 1.10
N GLY A 242 10.66 3.60 1.59
CA GLY A 242 10.05 2.79 2.61
C GLY A 242 8.94 3.67 3.21
N LEU A 243 8.19 3.09 4.16
CA LEU A 243 7.11 3.71 4.91
C LEU A 243 7.56 4.20 6.34
N ALA A 244 7.16 5.41 6.75
CA ALA A 244 7.52 5.88 8.11
C ALA A 244 6.71 5.24 9.24
N ARG A 245 7.39 4.97 10.36
N ARG A 245 7.37 4.98 10.36
CA ARG A 245 6.80 4.30 11.54
CA ARG A 245 6.68 4.33 11.48
C ARG A 245 6.31 5.37 12.50
C ARG A 245 6.29 5.39 12.47
N GLY A 246 5.00 5.44 12.76
CA GLY A 246 4.43 6.45 13.65
C GLY A 246 2.94 6.36 13.80
N PRO A 247 2.33 7.13 14.75
CA PRO A 247 0.87 7.02 14.91
C PRO A 247 0.19 7.42 13.63
N LEU A 248 -1.03 6.91 13.41
CA LEU A 248 -1.80 7.31 12.22
C LEU A 248 -2.84 8.38 12.50
N SER A 249 -2.80 9.52 11.81
CA SER A 249 -3.78 10.54 12.02
C SER A 249 -4.69 10.71 10.77
N LEU A 250 -5.86 11.33 10.98
CA LEU A 250 -6.91 11.57 9.95
C LEU A 250 -7.89 12.66 10.42
N LEU A 251 -8.07 13.69 9.61
CA LEU A 251 -9.09 14.65 9.94
C LEU A 251 -10.02 14.64 8.73
N ALA A 252 -11.33 14.49 8.97
CA ALA A 252 -12.39 14.54 7.95
C ALA A 252 -12.23 15.74 7.09
N PRO A 253 -12.39 15.59 5.81
CA PRO A 253 -12.40 16.85 5.01
C PRO A 253 -13.60 17.78 5.35
N THR A 254 -13.51 19.05 4.99
CA THR A 254 -14.59 20.06 5.15
C THR A 254 -15.31 20.39 3.83
N ARG A 255 -14.63 20.26 2.67
N ARG A 255 -14.65 20.14 2.68
CA ARG A 255 -15.19 20.41 1.30
CA ARG A 255 -15.16 20.38 1.32
C ARG A 255 -14.83 19.19 0.47
C ARG A 255 -14.81 19.22 0.42
N LEU A 256 -15.81 18.63 -0.23
CA LEU A 256 -15.55 17.52 -1.13
C LEU A 256 -15.63 18.00 -2.55
N ILE A 257 -14.80 17.40 -3.40
CA ILE A 257 -14.89 17.65 -4.82
C ILE A 257 -15.80 16.61 -5.41
N GLU A 258 -16.90 17.05 -5.99
CA GLU A 258 -17.98 16.17 -6.44
C GLU A 258 -17.92 15.90 -7.93
N GLY A 259 -18.52 14.80 -8.36
CA GLY A 259 -18.71 14.54 -9.75
C GLY A 259 -17.43 14.34 -10.49
N GLU A 260 -17.37 14.93 -11.67
N GLU A 260 -17.31 14.92 -11.66
CA GLU A 260 -16.19 14.80 -12.52
CA GLU A 260 -16.07 14.68 -12.38
C GLU A 260 -15.01 15.59 -11.92
C GLU A 260 -14.96 15.58 -11.88
N GLY A 261 -15.36 16.66 -11.20
CA GLY A 261 -14.45 17.58 -10.62
C GLY A 261 -15.01 18.97 -10.47
N GLU A 262 -14.16 19.94 -10.13
N GLU A 262 -14.14 19.93 -10.19
CA GLU A 262 -14.62 21.31 -9.91
CA GLU A 262 -14.57 21.29 -9.94
C GLU A 262 -13.43 22.21 -10.11
C GLU A 262 -13.39 22.19 -10.21
N ASP A 263 -13.69 23.45 -10.48
CA ASP A 263 -12.65 24.45 -10.66
C ASP A 263 -12.76 25.36 -9.47
N LEU A 264 -11.73 25.41 -8.60
CA LEU A 264 -11.77 26.25 -7.37
C LEU A 264 -10.67 27.28 -7.39
N VAL A 265 -10.75 28.27 -6.50
CA VAL A 265 -9.63 29.18 -6.32
C VAL A 265 -9.31 29.10 -4.84
N LEU A 266 -8.04 28.99 -4.48
CA LEU A 266 -7.68 28.86 -3.05
C LEU A 266 -6.59 29.82 -2.72
N ASP A 267 -6.85 30.71 -1.75
CA ASP A 267 -5.82 31.69 -1.34
C ASP A 267 -5.18 32.37 -2.60
N GLY A 268 -6.10 32.68 -3.51
CA GLY A 268 -5.81 33.44 -4.70
C GLY A 268 -5.38 32.60 -5.88
N VAL A 269 -5.21 31.29 -5.70
CA VAL A 269 -4.51 30.47 -6.71
C VAL A 269 -5.57 29.57 -7.37
N PRO A 270 -5.66 29.56 -8.70
CA PRO A 270 -6.59 28.67 -9.35
C PRO A 270 -6.14 27.19 -9.39
N PHE A 271 -7.09 26.31 -9.06
CA PHE A 271 -6.97 24.85 -9.12
C PHE A 271 -8.06 24.22 -9.97
N THR A 272 -7.69 23.20 -10.78
CA THR A 272 -8.70 22.26 -11.33
C THR A 272 -8.42 20.85 -10.77
N PHE A 273 -9.44 20.28 -10.17
CA PHE A 273 -9.50 18.89 -9.67
C PHE A 273 -10.18 18.03 -10.68
N GLN A 274 -9.49 16.94 -11.06
CA GLN A 274 -10.05 15.96 -11.95
C GLN A 274 -10.18 14.68 -11.17
N ASN A 275 -11.42 14.24 -10.93
CA ASN A 275 -11.69 13.02 -10.16
C ASN A 275 -11.57 11.77 -11.00
N THR A 276 -10.99 10.70 -10.49
CA THR A 276 -11.26 9.33 -10.98
C THR A 276 -12.68 9.21 -11.53
N PRO A 277 -12.84 8.98 -12.89
CA PRO A 277 -14.16 9.00 -13.62
C PRO A 277 -14.86 7.62 -13.43
N GLY A 278 -16.16 7.42 -13.74
CA GLY A 278 -17.28 8.39 -13.64
C GLY A 278 -18.11 7.90 -12.41
N THR A 279 -17.40 7.27 -11.47
CA THR A 279 -17.87 6.94 -10.10
C THR A 279 -18.45 8.16 -9.35
N GLU A 280 -19.44 7.84 -8.51
CA GLU A 280 -20.14 8.83 -7.67
CA GLU A 280 -20.19 8.75 -7.63
C GLU A 280 -19.29 9.13 -6.46
N SER A 281 -18.38 8.19 -6.17
CA SER A 281 -17.51 8.09 -5.01
C SER A 281 -16.00 8.14 -5.34
N PRO A 282 -15.53 9.15 -6.06
CA PRO A 282 -14.07 9.22 -6.34
C PRO A 282 -13.15 9.18 -5.10
N ALA A 283 -12.11 8.34 -5.15
CA ALA A 283 -11.16 8.22 -4.07
C ALA A 283 -9.83 8.93 -4.41
N GLU A 284 -9.79 9.67 -5.53
CA GLU A 284 -8.55 10.14 -6.07
C GLU A 284 -8.81 11.18 -7.12
N MSE A 285 -7.89 12.12 -7.26
CA MSE A 285 -7.99 13.17 -8.23
C MSE A 285 -6.64 13.75 -8.64
O MSE A 285 -5.71 13.89 -7.82
CB MSE A 285 -8.92 14.30 -7.69
CG MSE A 285 -8.44 15.06 -6.48
SE MSE A 285 -9.81 16.15 -5.58
CE MSE A 285 -8.71 17.06 -4.29
N ASN A 286 -6.54 14.09 -9.91
CA ASN A 286 -5.48 14.88 -10.46
C ASN A 286 -5.75 16.33 -10.19
N ILE A 287 -4.67 17.11 -10.21
CA ILE A 287 -4.68 18.50 -9.82
C ILE A 287 -3.92 19.33 -10.86
N TRP A 288 -4.62 20.24 -11.52
CA TRP A 288 -4.04 21.11 -12.50
C TRP A 288 -4.00 22.55 -12.01
N LEU A 289 -2.83 23.15 -12.11
CA LEU A 289 -2.62 24.54 -11.72
C LEU A 289 -2.27 25.34 -12.97
N PRO A 290 -3.26 26.06 -13.54
CA PRO A 290 -3.15 26.82 -14.82
C PRO A 290 -2.20 27.98 -14.74
N ARG A 291 -2.01 28.61 -13.59
CA ARG A 291 -1.08 29.68 -13.56
C ARG A 291 0.30 29.09 -13.81
N GLN A 292 0.68 27.99 -13.14
CA GLN A 292 1.99 27.49 -13.47
C GLN A 292 2.03 26.46 -14.67
N LYS A 293 0.87 26.16 -15.25
N LYS A 293 0.88 26.19 -15.27
CA LYS A 293 0.73 25.10 -16.27
CA LYS A 293 0.74 25.11 -16.27
C LYS A 293 1.33 23.77 -15.73
C LYS A 293 1.39 23.82 -15.71
N ALA A 294 0.95 23.45 -14.51
CA ALA A 294 1.58 22.40 -13.78
C ALA A 294 0.53 21.36 -13.47
N LEU A 295 0.86 20.12 -13.88
CA LEU A 295 -0.01 18.96 -13.73
C LEU A 295 0.45 18.00 -12.61
N LEU A 296 -0.32 17.94 -11.53
CA LEU A 296 0.01 17.09 -10.41
C LEU A 296 -0.77 15.80 -10.63
N MSE A 297 -0.09 14.77 -11.06
CA MSE A 297 -0.76 13.50 -11.33
C MSE A 297 -1.01 12.81 -10.02
O MSE A 297 -0.18 12.83 -9.08
CB MSE A 297 -0.01 12.63 -12.33
CG MSE A 297 -0.06 13.18 -13.78
SE MSE A 297 -1.88 13.52 -14.43
CE MSE A 297 -2.34 11.73 -14.96
N ALA A 298 -2.16 12.23 -9.86
CA ALA A 298 -2.32 11.51 -8.63
C ALA A 298 -1.60 10.18 -8.86
N GLU A 299 -1.43 9.44 -7.77
CA GLU A 299 -0.81 8.12 -7.77
C GLU A 299 -1.29 7.18 -8.89
N ASN A 300 -1.75 7.74 -10.03
CA ASN A 300 -2.05 6.98 -11.30
C ASN A 300 -0.86 7.01 -12.25
N VAL A 301 0.03 7.95 -12.04
CA VAL A 301 1.24 8.03 -12.86
C VAL A 301 2.37 8.22 -11.88
N VAL A 302 3.33 7.31 -11.91
CA VAL A 302 4.45 7.42 -10.99
C VAL A 302 5.68 6.88 -11.76
N GLY A 303 6.88 7.00 -11.17
CA GLY A 303 8.09 6.49 -11.82
C GLY A 303 8.15 4.97 -11.66
N THR A 304 7.13 4.28 -12.11
CA THR A 304 7.09 2.83 -12.00
C THR A 304 5.74 2.39 -12.48
N LEU A 305 5.66 1.18 -13.04
CA LEU A 305 4.37 0.53 -13.14
C LEU A 305 3.87 0.34 -11.70
N HIS A 306 2.64 0.78 -11.42
CA HIS A 306 2.01 0.62 -10.10
C HIS A 306 1.30 -0.74 -9.93
N ASN A 307 0.86 -1.07 -8.73
CA ASN A 307 0.16 -2.33 -8.51
C ASN A 307 -1.34 -2.23 -8.92
N LEU A 308 -1.84 -3.22 -9.69
CA LEU A 308 -3.28 -3.45 -9.83
C LEU A 308 -3.70 -4.38 -8.73
N TYR A 309 -2.68 -4.99 -8.17
CA TYR A 309 -2.78 -5.92 -7.09
C TYR A 309 -1.48 -5.81 -6.20
N THR A 310 -1.65 -5.37 -4.95
N THR A 310 -1.67 -5.35 -4.96
CA THR A 310 -0.55 -5.30 -4.00
CA THR A 310 -0.60 -5.39 -3.97
C THR A 310 -0.41 -6.71 -3.38
C THR A 310 -0.45 -6.84 -3.56
N LEU A 311 0.80 -7.29 -3.51
CA LEU A 311 1.15 -8.62 -2.98
C LEU A 311 0.67 -8.93 -1.52
N ARG A 312 0.47 -7.88 -0.71
N ARG A 312 0.47 -7.90 -0.68
CA ARG A 312 -0.09 -7.96 0.67
CA ARG A 312 -0.10 -8.10 0.68
C ARG A 312 -1.62 -8.23 0.62
C ARG A 312 -1.62 -8.40 0.60
N GLY A 313 -2.20 -8.17 -0.58
CA GLY A 313 -3.61 -8.47 -0.85
C GLY A 313 -4.60 -7.31 -0.74
N ALA A 314 -5.37 -7.10 -1.79
CA ALA A 314 -6.50 -6.21 -1.83
C ALA A 314 -7.31 -6.61 -3.10
N GLU A 315 -8.48 -6.01 -3.33
N GLU A 315 -8.43 -5.92 -3.28
CA GLU A 315 -9.22 -6.36 -4.57
CA GLU A 315 -9.21 -5.88 -4.49
C GLU A 315 -8.59 -5.70 -5.78
C GLU A 315 -8.27 -5.73 -5.74
N VAL A 316 -8.48 -6.51 -6.82
CA VAL A 316 -7.82 -6.14 -8.10
C VAL A 316 -8.38 -4.79 -8.57
N ARG A 317 -7.48 -3.89 -8.97
CA ARG A 317 -7.83 -2.57 -9.60
C ARG A 317 -8.28 -2.69 -11.09
N ASP A 318 -8.65 -1.55 -11.66
CA ASP A 318 -9.24 -1.54 -12.97
C ASP A 318 -8.28 -0.93 -13.98
N ALA A 319 -7.46 -1.74 -14.65
CA ALA A 319 -6.46 -1.23 -15.56
C ALA A 319 -7.13 -0.52 -16.69
N LEU A 320 -8.27 -1.03 -17.14
CA LEU A 320 -9.05 -0.37 -18.25
C LEU A 320 -9.45 1.04 -17.89
N GLY A 321 -10.21 1.22 -16.80
CA GLY A 321 -10.49 2.57 -16.25
C GLY A 321 -9.21 3.40 -15.97
N TRP A 322 -8.18 2.80 -15.39
CA TRP A 322 -6.93 3.47 -15.15
C TRP A 322 -6.45 4.09 -16.46
N SER A 323 -6.27 3.25 -17.50
CA SER A 323 -5.86 3.74 -18.78
C SER A 323 -6.72 4.84 -19.36
N LYS A 324 -8.04 4.74 -19.28
CA LYS A 324 -8.90 5.78 -19.78
C LYS A 324 -8.77 7.10 -18.96
N TYR A 325 -8.56 7.02 -17.67
CA TYR A 325 -8.39 8.21 -16.87
C TYR A 325 -7.13 8.93 -17.24
N ILE A 326 -6.06 8.23 -17.57
CA ILE A 326 -4.84 8.94 -17.93
C ILE A 326 -5.06 9.66 -19.28
N ASN A 327 -5.76 9.00 -20.20
CA ASN A 327 -6.07 9.56 -21.48
C ASN A 327 -6.88 10.83 -21.30
N GLN A 328 -7.86 10.82 -20.40
N GLN A 328 -7.87 10.81 -20.38
CA GLN A 328 -8.65 11.98 -20.17
CA GLN A 328 -8.70 11.97 -20.05
C GLN A 328 -7.74 13.14 -19.71
C GLN A 328 -7.72 13.12 -19.73
N ALA A 329 -6.74 12.83 -18.87
CA ALA A 329 -5.84 13.86 -18.38
C ALA A 329 -4.98 14.38 -19.54
N LEU A 330 -4.57 13.44 -20.40
CA LEU A 330 -3.71 13.77 -21.47
C LEU A 330 -4.43 14.84 -22.31
N HIS A 331 -5.66 14.54 -22.75
CA HIS A 331 -6.46 15.43 -23.55
C HIS A 331 -6.92 16.72 -22.83
N ARG A 332 -7.15 16.68 -21.51
N ARG A 332 -7.14 16.70 -21.52
CA ARG A 332 -7.53 17.91 -20.82
CA ARG A 332 -7.51 17.95 -20.86
C ARG A 332 -6.33 18.83 -20.54
C ARG A 332 -6.34 18.87 -20.47
N PHE A 333 -5.25 18.29 -19.98
CA PHE A 333 -4.19 19.11 -19.40
C PHE A 333 -2.84 18.81 -20.01
N GLY A 334 -2.65 17.56 -20.37
CA GLY A 334 -1.44 17.14 -20.91
C GLY A 334 -0.98 17.94 -22.08
N ARG A 335 -1.94 18.34 -22.92
N ARG A 335 -1.84 18.36 -22.99
CA ARG A 335 -1.76 19.06 -24.20
CA ARG A 335 -1.26 18.96 -24.18
C ARG A 335 -1.53 20.58 -24.00
C ARG A 335 -0.86 20.41 -23.95
N GLN A 336 -1.17 20.95 -22.77
CA GLN A 336 -0.78 22.34 -22.39
C GLN A 336 0.10 22.43 -21.19
N ALA A 337 0.44 21.28 -20.65
CA ALA A 337 1.30 21.23 -19.48
C ALA A 337 2.81 21.58 -19.74
N GLU A 338 3.38 22.30 -18.79
N GLU A 338 3.40 22.27 -18.79
CA GLU A 338 4.81 22.59 -18.86
CA GLU A 338 4.83 22.54 -18.91
C GLU A 338 5.62 21.73 -17.91
C GLU A 338 5.66 21.89 -17.80
N VAL A 339 5.02 21.26 -16.82
CA VAL A 339 5.67 20.43 -15.81
C VAL A 339 4.62 19.44 -15.28
N MSE A 340 4.96 18.16 -15.15
CA MSE A 340 4.03 17.21 -14.48
C MSE A 340 4.76 16.66 -13.28
O MSE A 340 5.96 16.43 -13.35
CB MSE A 340 3.59 16.07 -15.40
CG MSE A 340 3.13 14.76 -14.68
SE MSE A 340 2.54 13.71 -16.08
CE MSE A 340 4.34 13.38 -16.85
N PHE A 341 4.09 16.52 -12.17
CA PHE A 341 4.80 16.09 -10.97
C PHE A 341 3.87 15.21 -10.24
N ALA A 342 4.30 14.68 -9.09
CA ALA A 342 3.62 13.52 -8.52
C ALA A 342 3.72 13.42 -7.03
N VAL A 343 2.85 12.57 -6.46
CA VAL A 343 2.75 12.33 -5.01
C VAL A 343 3.78 11.25 -4.63
N HIS A 344 4.47 10.69 -5.66
CA HIS A 344 5.66 9.83 -5.48
C HIS A 344 6.68 10.10 -6.56
N ASN A 345 7.95 10.04 -6.21
CA ASN A 345 9.04 10.28 -7.15
C ASN A 345 9.10 11.71 -7.68
N TRP A 346 9.71 11.92 -8.86
CA TRP A 346 10.21 13.25 -9.24
C TRP A 346 9.48 13.71 -10.46
N PRO A 347 9.56 15.02 -10.78
CA PRO A 347 8.79 15.64 -11.85
C PRO A 347 9.45 15.42 -13.21
N ARG A 348 8.70 15.76 -14.27
N ARG A 348 8.68 15.67 -14.28
CA ARG A 348 9.16 15.75 -15.63
CA ARG A 348 9.09 15.66 -15.67
C ARG A 348 8.78 17.08 -16.26
C ARG A 348 8.82 17.09 -16.18
N TRP A 349 9.72 17.68 -16.98
CA TRP A 349 9.58 19.07 -17.49
C TRP A 349 9.56 19.12 -19.02
N GLY A 350 8.76 20.04 -19.57
CA GLY A 350 8.63 20.19 -21.02
C GLY A 350 7.48 19.44 -21.70
N ASN A 351 6.80 20.07 -22.63
CA ASN A 351 5.56 19.48 -23.10
C ASN A 351 5.64 18.11 -23.84
N ALA A 352 6.60 18.00 -24.76
CA ALA A 352 6.78 16.79 -25.53
C ALA A 352 7.04 15.61 -24.56
N GLU A 353 7.91 15.82 -23.58
CA GLU A 353 8.27 14.81 -22.61
C GLU A 353 6.98 14.47 -21.85
N ILE A 354 6.28 15.46 -21.32
CA ILE A 354 5.03 15.19 -20.63
C ILE A 354 4.02 14.45 -21.56
N VAL A 355 3.77 14.97 -22.76
CA VAL A 355 2.88 14.23 -23.67
C VAL A 355 3.27 12.72 -23.82
N GLU A 356 4.56 12.41 -23.94
CA GLU A 356 4.92 11.04 -24.26
C GLU A 356 4.69 10.06 -23.09
N VAL A 357 5.22 10.45 -21.92
CA VAL A 357 5.02 9.78 -20.68
C VAL A 357 3.49 9.49 -20.48
N LEU A 358 2.66 10.54 -20.49
CA LEU A 358 1.21 10.31 -20.36
C LEU A 358 0.70 9.25 -21.30
N GLU A 359 1.07 9.40 -22.59
CA GLU A 359 0.74 8.42 -23.64
C GLU A 359 1.22 7.05 -23.24
N LYS A 360 2.43 6.96 -22.69
CA LYS A 360 2.98 5.66 -22.47
C LYS A 360 2.37 5.01 -21.23
N GLN A 361 2.08 5.85 -20.27
CA GLN A 361 1.53 5.30 -19.02
C GLN A 361 0.16 4.80 -19.32
N ARG A 362 -0.58 5.57 -20.14
CA ARG A 362 -1.87 5.19 -20.68
C ARG A 362 -1.84 3.82 -21.41
N ASP A 363 -0.82 3.64 -22.25
CA ASP A 363 -0.76 2.48 -23.13
C ASP A 363 -0.21 1.32 -22.37
N LEU A 364 0.61 1.59 -21.33
CA LEU A 364 1.10 0.52 -20.50
C LEU A 364 -0.07 -0.14 -19.75
N TYR A 365 -0.89 0.61 -19.01
CA TYR A 365 -2.06 -0.04 -18.33
C TYR A 365 -2.99 -0.62 -19.36
N GLY A 366 -3.20 0.08 -20.48
CA GLY A 366 -4.03 -0.50 -21.56
C GLY A 366 -3.51 -1.79 -22.19
N TYR A 367 -2.20 -1.88 -22.38
CA TYR A 367 -1.69 -3.04 -23.02
C TYR A 367 -1.64 -4.22 -22.05
N LEU A 368 -1.24 -3.95 -20.78
CA LEU A 368 -1.43 -4.95 -19.75
C LEU A 368 -2.83 -5.52 -19.78
N HIS A 369 -3.82 -4.62 -19.81
CA HIS A 369 -5.21 -5.05 -19.73
C HIS A 369 -5.67 -5.84 -20.96
N ASP A 370 -5.50 -5.24 -22.14
CA ASP A 370 -5.98 -5.77 -23.43
C ASP A 370 -5.22 -7.02 -23.90
N GLN A 371 -3.94 -7.12 -23.58
CA GLN A 371 -3.20 -8.27 -24.02
C GLN A 371 -3.25 -9.42 -23.04
N THR A 372 -3.52 -9.16 -21.78
CA THR A 372 -3.84 -10.24 -20.89
C THR A 372 -5.06 -10.94 -21.41
N LEU A 373 -6.12 -10.20 -21.68
CA LEU A 373 -7.38 -10.73 -22.12
C LEU A 373 -7.28 -11.34 -23.55
N HIS A 374 -6.39 -10.78 -24.41
CA HIS A 374 -6.08 -11.46 -25.69
C HIS A 374 -5.50 -12.86 -25.49
N LEU A 375 -4.58 -13.02 -24.51
CA LEU A 375 -4.00 -14.31 -24.27
C LEU A 375 -5.07 -15.17 -23.60
N ALA A 376 -5.76 -14.60 -22.62
CA ALA A 376 -6.83 -15.35 -21.97
C ALA A 376 -7.87 -15.87 -23.00
N ASN A 377 -8.32 -15.03 -23.93
CA ASN A 377 -9.20 -15.54 -24.97
C ASN A 377 -8.63 -16.65 -25.88
N GLN A 378 -7.31 -16.83 -25.90
CA GLN A 378 -6.72 -17.88 -26.70
C GLN A 378 -6.44 -19.00 -25.75
N GLY A 379 -7.02 -19.01 -24.57
CA GLY A 379 -6.74 -20.14 -23.67
C GLY A 379 -5.61 -20.06 -22.65
N VAL A 380 -4.74 -19.07 -22.73
CA VAL A 380 -3.69 -18.91 -21.73
C VAL A 380 -4.30 -18.67 -20.30
N THR A 381 -3.81 -19.35 -19.28
CA THR A 381 -4.48 -19.27 -17.99
C THR A 381 -3.74 -18.37 -16.99
N ILE A 382 -4.39 -18.24 -15.86
CA ILE A 382 -3.89 -17.39 -14.83
C ILE A 382 -2.57 -18.01 -14.39
N GLY A 383 -2.44 -19.32 -14.56
CA GLY A 383 -1.20 -19.98 -14.18
C GLY A 383 -0.08 -19.82 -15.22
N GLN A 384 -0.33 -19.19 -16.40
CA GLN A 384 0.58 -19.16 -17.55
C GLN A 384 0.79 -17.73 -18.06
N VAL A 385 -0.20 -16.87 -17.92
CA VAL A 385 -0.06 -15.55 -18.59
C VAL A 385 1.23 -14.73 -18.28
N HIS A 386 1.76 -14.80 -17.04
CA HIS A 386 2.95 -13.97 -16.68
C HIS A 386 4.20 -14.46 -17.44
N ASN A 387 4.22 -15.75 -17.81
CA ASN A 387 5.29 -16.32 -18.60
C ASN A 387 5.05 -16.12 -20.11
N ARG A 388 3.94 -15.52 -20.52
CA ARG A 388 3.71 -15.26 -21.94
C ARG A 388 3.71 -13.80 -22.35
N LEU A 389 3.24 -12.90 -21.48
CA LEU A 389 3.07 -11.53 -21.84
C LEU A 389 4.36 -10.71 -21.76
N ARG A 390 4.69 -10.01 -22.82
CA ARG A 390 5.86 -9.11 -22.81
C ARG A 390 5.43 -7.75 -23.32
N LEU A 391 5.82 -6.65 -22.64
CA LEU A 391 5.56 -5.30 -23.21
C LEU A 391 6.35 -5.17 -24.50
N PRO A 392 5.82 -4.38 -25.44
CA PRO A 392 6.50 -4.09 -26.71
C PRO A 392 7.67 -3.06 -26.44
N PRO A 393 8.64 -2.95 -27.35
CA PRO A 393 9.78 -2.05 -26.92
C PRO A 393 9.45 -0.62 -26.44
N SER A 394 8.42 0.00 -27.00
CA SER A 394 8.20 1.42 -26.73
C SER A 394 7.75 1.66 -25.31
N LEU A 395 7.13 0.63 -24.72
CA LEU A 395 6.75 0.66 -23.30
C LEU A 395 7.81 0.01 -22.42
N ASP A 396 8.49 -1.00 -22.93
CA ASP A 396 9.46 -1.79 -22.14
C ASP A 396 10.70 -0.94 -21.78
N GLN A 397 11.08 -0.05 -22.68
CA GLN A 397 12.30 0.73 -22.60
C GLN A 397 12.18 2.12 -21.93
N GLU A 398 11.23 2.30 -21.03
CA GLU A 398 11.19 3.57 -20.31
C GLU A 398 11.35 3.27 -18.83
N TRP A 399 12.22 3.95 -18.11
CA TRP A 399 12.35 3.63 -16.71
C TRP A 399 11.08 3.71 -15.88
N TYR A 400 10.18 4.64 -16.23
CA TYR A 400 8.98 4.84 -15.37
C TYR A 400 7.93 3.75 -15.68
N ASP A 401 8.25 2.86 -16.62
CA ASP A 401 7.47 1.71 -16.94
C ASP A 401 7.95 0.41 -16.26
N ARG A 402 9.10 0.43 -15.63
CA ARG A 402 9.58 -0.75 -14.99
C ARG A 402 8.74 -1.21 -13.82
N GLY A 403 8.63 -2.53 -13.63
CA GLY A 403 7.88 -3.03 -12.50
C GLY A 403 8.57 -2.86 -11.17
N TYR A 404 8.71 -1.66 -10.62
CA TYR A 404 9.41 -1.63 -9.36
C TYR A 404 8.45 -1.94 -8.22
N HIS A 405 7.20 -1.58 -8.43
CA HIS A 405 6.12 -1.54 -7.44
C HIS A 405 5.05 -2.58 -7.83
N GLY A 406 4.32 -2.30 -8.90
CA GLY A 406 3.60 -3.37 -9.58
C GLY A 406 4.57 -4.06 -10.50
N SER A 407 4.23 -5.25 -10.97
CA SER A 407 5.02 -5.92 -11.99
C SER A 407 4.10 -6.33 -13.15
N VAL A 408 4.63 -6.40 -14.38
CA VAL A 408 3.92 -6.97 -15.52
C VAL A 408 3.52 -8.36 -15.12
N SER A 409 4.44 -9.10 -14.51
CA SER A 409 4.08 -10.46 -14.15
C SER A 409 2.82 -10.56 -13.25
N HIS A 410 2.79 -9.85 -12.12
CA HIS A 410 1.65 -10.07 -11.23
C HIS A 410 0.40 -9.26 -11.54
N ASN A 411 0.57 -8.21 -12.32
CA ASN A 411 -0.52 -7.45 -12.83
C ASN A 411 -1.27 -8.16 -13.96
N ALA A 412 -0.54 -8.79 -14.85
CA ALA A 412 -1.19 -9.61 -15.86
C ALA A 412 -2.01 -10.70 -15.16
N ARG A 413 -1.42 -11.38 -14.16
CA ARG A 413 -2.24 -12.35 -13.45
C ARG A 413 -3.44 -11.67 -12.85
N ALA A 414 -3.27 -10.44 -12.37
CA ALA A 414 -4.34 -9.78 -11.62
C ALA A 414 -5.49 -9.43 -12.56
N VAL A 415 -5.14 -8.94 -13.76
CA VAL A 415 -6.19 -8.66 -14.76
C VAL A 415 -6.98 -9.96 -15.07
N LEU A 416 -6.25 -11.01 -15.32
CA LEU A 416 -6.94 -12.20 -15.66
C LEU A 416 -7.85 -12.58 -14.48
N ASN A 417 -7.37 -12.42 -13.26
CA ASN A 417 -8.11 -12.86 -12.07
C ASN A 417 -9.37 -11.98 -11.89
N ARG A 418 -9.27 -10.72 -12.28
CA ARG A 418 -10.39 -9.86 -12.18
C ARG A 418 -11.47 -10.38 -13.12
N TYR A 419 -11.05 -10.84 -14.32
CA TYR A 419 -12.06 -11.20 -15.29
C TYR A 419 -12.54 -12.64 -15.17
N LEU A 420 -11.63 -13.58 -14.86
CA LEU A 420 -11.98 -14.99 -14.74
C LEU A 420 -11.83 -15.64 -13.35
N GLY A 421 -11.22 -14.96 -12.36
CA GLY A 421 -11.13 -15.54 -11.04
C GLY A 421 -9.88 -16.39 -10.91
N TYR A 422 -9.77 -17.10 -9.80
CA TYR A 422 -8.52 -17.77 -9.50
C TYR A 422 -8.40 -19.12 -10.15
N TYR A 423 -9.48 -19.74 -10.57
CA TYR A 423 -9.49 -21.16 -11.07
C TYR A 423 -9.02 -21.20 -12.51
N ASP A 424 -8.08 -22.10 -12.87
CA ASP A 424 -7.53 -22.05 -14.24
C ASP A 424 -8.42 -22.78 -15.28
N GLY A 425 -9.56 -23.33 -14.81
CA GLY A 425 -10.45 -24.13 -15.67
C GLY A 425 -10.11 -25.62 -15.86
N ASN A 426 -8.96 -26.08 -15.40
CA ASN A 426 -8.65 -27.50 -15.43
C ASN A 426 -9.17 -28.21 -14.16
N PRO A 427 -10.20 -29.08 -14.28
CA PRO A 427 -10.70 -29.63 -13.00
C PRO A 427 -9.68 -30.40 -12.17
N ALA A 428 -8.51 -30.65 -12.70
CA ALA A 428 -7.45 -31.21 -11.83
C ALA A 428 -7.15 -30.25 -10.68
N THR A 429 -7.56 -28.97 -10.80
CA THR A 429 -7.19 -28.02 -9.77
C THR A 429 -8.48 -27.47 -9.14
N LEU A 430 -9.63 -28.07 -9.46
CA LEU A 430 -10.85 -27.52 -8.90
C LEU A 430 -10.94 -27.73 -7.36
N ASP A 431 -10.59 -28.91 -6.86
CA ASP A 431 -10.82 -29.24 -5.46
C ASP A 431 -9.45 -29.61 -4.85
N PRO A 432 -8.59 -28.63 -4.73
CA PRO A 432 -7.25 -29.11 -4.43
C PRO A 432 -7.01 -29.34 -2.94
N LEU A 433 -6.26 -30.40 -2.62
CA LEU A 433 -5.79 -30.68 -1.23
C LEU A 433 -4.93 -29.50 -0.76
N SER A 434 -5.02 -29.17 0.54
CA SER A 434 -4.11 -28.14 1.07
C SER A 434 -2.66 -28.57 0.88
N PRO A 435 -1.75 -27.61 0.66
CA PRO A 435 -0.39 -28.00 0.41
C PRO A 435 0.09 -28.88 1.56
N GLU A 436 -0.31 -28.63 2.79
CA GLU A 436 0.30 -29.50 3.81
C GLU A 436 -0.28 -30.91 3.82
N ASP A 437 -1.44 -31.14 3.20
CA ASP A 437 -2.01 -32.50 3.14
C ASP A 437 -1.57 -33.23 1.91
N SER A 438 -1.06 -32.53 0.89
CA SER A 438 -0.48 -33.25 -0.26
C SER A 438 1.03 -33.38 -0.17
N ALA A 439 1.67 -32.60 0.67
CA ALA A 439 3.14 -32.54 0.69
C ALA A 439 3.78 -33.88 0.94
N GLY A 440 3.25 -34.65 1.90
CA GLY A 440 3.80 -36.00 2.22
C GLY A 440 3.89 -36.84 0.95
N ARG A 441 2.80 -36.88 0.20
CA ARG A 441 2.74 -37.69 -0.98
C ARG A 441 3.66 -37.26 -2.10
N TYR A 442 3.81 -35.95 -2.31
CA TYR A 442 4.77 -35.45 -3.32
C TYR A 442 6.14 -35.92 -2.93
N VAL A 443 6.45 -35.84 -1.60
CA VAL A 443 7.74 -36.23 -1.13
C VAL A 443 7.87 -37.75 -1.29
N GLU A 444 6.84 -38.51 -0.91
N GLU A 444 6.83 -38.50 -0.90
CA GLU A 444 6.94 -39.96 -1.09
CA GLU A 444 6.85 -39.94 -1.13
C GLU A 444 7.17 -40.36 -2.57
C GLU A 444 7.26 -40.22 -2.57
N TYR A 445 6.42 -39.73 -3.47
CA TYR A 445 6.53 -40.10 -4.88
C TYR A 445 7.86 -39.71 -5.45
N MSE A 446 8.62 -38.93 -4.72
CA MSE A 446 9.87 -38.35 -5.22
C MSE A 446 11.10 -39.03 -4.65
O MSE A 446 12.24 -38.63 -4.88
CB MSE A 446 9.91 -36.85 -4.97
CG MSE A 446 9.30 -36.10 -6.08
SE MSE A 446 9.20 -34.13 -5.90
CE MSE A 446 8.30 -33.98 -7.56
N GLY A 447 10.86 -40.08 -3.90
CA GLY A 447 11.92 -40.91 -3.38
C GLY A 447 12.25 -40.65 -1.94
N GLY A 448 11.50 -39.77 -1.25
CA GLY A 448 11.78 -39.39 0.15
C GLY A 448 12.51 -38.05 0.28
N ALA A 449 12.59 -37.53 1.50
CA ALA A 449 13.31 -36.27 1.74
C ALA A 449 14.70 -36.17 1.12
N GLU A 450 15.55 -37.19 1.34
CA GLU A 450 16.93 -37.13 0.94
C GLU A 450 17.04 -37.20 -0.56
N ARG A 451 16.20 -38.01 -1.20
CA ARG A 451 16.34 -38.16 -2.62
C ARG A 451 15.84 -36.88 -3.31
N LEU A 452 14.76 -36.34 -2.75
CA LEU A 452 14.23 -35.06 -3.23
C LEU A 452 15.27 -33.95 -3.07
N LEU A 453 15.85 -33.82 -1.87
CA LEU A 453 16.92 -32.83 -1.69
C LEU A 453 18.07 -32.98 -2.67
N GLU A 454 18.36 -34.19 -3.06
CA GLU A 454 19.52 -34.41 -3.82
C GLU A 454 19.25 -34.01 -5.27
N GLN A 455 18.04 -34.24 -5.73
CA GLN A 455 17.75 -33.86 -7.08
C GLN A 455 17.67 -32.34 -7.15
N ALA A 456 17.10 -31.72 -6.10
CA ALA A 456 16.96 -30.29 -6.01
C ALA A 456 18.34 -29.58 -5.95
N ARG A 457 19.30 -30.15 -5.20
CA ARG A 457 20.64 -29.55 -5.19
C ARG A 457 21.13 -29.51 -6.64
N ALA A 458 20.98 -30.60 -7.37
CA ALA A 458 21.47 -30.58 -8.74
C ALA A 458 20.72 -29.49 -9.52
N SER A 459 19.42 -29.33 -9.27
CA SER A 459 18.67 -28.28 -9.96
C SER A 459 19.19 -26.88 -9.61
N TYR A 460 19.38 -26.64 -8.31
CA TYR A 460 20.00 -25.42 -7.84
C TYR A 460 21.32 -25.17 -8.60
N ALA A 461 22.14 -26.21 -8.73
CA ALA A 461 23.51 -25.96 -9.16
C ALA A 461 23.47 -25.55 -10.61
N ARG A 462 22.31 -25.77 -11.25
CA ARG A 462 22.10 -25.30 -12.62
C ARG A 462 21.39 -23.95 -12.65
N GLY A 463 21.14 -23.32 -11.52
CA GLY A 463 20.49 -22.01 -11.58
C GLY A 463 18.95 -21.91 -11.59
N GLU A 464 18.25 -23.03 -11.32
CA GLU A 464 16.86 -23.25 -11.68
C GLU A 464 16.05 -22.92 -10.46
N TYR A 465 16.21 -21.65 -10.06
CA TYR A 465 15.65 -21.26 -8.81
C TYR A 465 14.11 -21.26 -8.76
N ARG A 466 13.45 -20.93 -9.88
CA ARG A 466 11.97 -20.85 -9.87
C ARG A 466 11.39 -22.24 -9.79
N TRP A 467 12.14 -23.24 -10.27
CA TRP A 467 11.76 -24.63 -10.02
C TRP A 467 12.01 -25.10 -8.57
N VAL A 468 13.23 -24.87 -8.06
CA VAL A 468 13.67 -25.30 -6.74
C VAL A 468 12.73 -24.74 -5.71
N VAL A 469 12.38 -23.49 -5.80
CA VAL A 469 11.46 -23.02 -4.74
C VAL A 469 10.10 -23.65 -4.77
N GLU A 470 9.69 -24.19 -5.92
CA GLU A 470 8.44 -24.85 -6.07
C GLU A 470 8.53 -26.21 -5.48
N VAL A 471 9.58 -26.93 -5.87
CA VAL A 471 9.64 -28.36 -5.47
C VAL A 471 10.04 -28.52 -3.96
N VAL A 472 11.06 -27.79 -3.49
CA VAL A 472 11.51 -27.91 -2.08
C VAL A 472 10.48 -27.40 -1.07
N ASN A 473 9.63 -26.51 -1.54
CA ASN A 473 8.52 -26.06 -0.76
C ASN A 473 7.55 -27.19 -0.43
N ARG A 474 7.35 -28.12 -1.36
CA ARG A 474 6.61 -29.35 -1.10
C ARG A 474 7.23 -30.07 0.10
N LEU A 475 8.57 -30.09 0.18
CA LEU A 475 9.26 -30.76 1.30
C LEU A 475 9.14 -29.98 2.59
N VAL A 476 9.27 -28.65 2.52
CA VAL A 476 9.10 -27.87 3.78
C VAL A 476 7.70 -28.08 4.30
N PHE A 477 6.72 -28.32 3.41
CA PHE A 477 5.36 -28.43 3.99
C PHE A 477 5.11 -29.82 4.56
N ALA A 478 5.89 -30.75 4.03
CA ALA A 478 5.79 -32.14 4.48
C ALA A 478 6.54 -32.25 5.78
N GLU A 479 7.67 -31.57 5.85
CA GLU A 479 8.58 -31.75 6.98
C GLU A 479 9.20 -30.46 7.43
N PRO A 480 8.39 -29.56 8.08
CA PRO A 480 8.69 -28.17 8.42
C PRO A 480 9.79 -28.09 9.38
N ASP A 481 10.07 -29.19 10.09
N ASP A 481 10.04 -29.23 10.07
CA ASP A 481 11.22 -29.16 10.99
CA ASP A 481 11.16 -29.37 11.02
C ASP A 481 12.47 -29.78 10.39
C ASP A 481 12.48 -29.59 10.33
N ASN A 482 12.43 -30.06 9.07
CA ASN A 482 13.59 -30.51 8.32
C ASN A 482 14.52 -29.34 7.96
N ARG A 483 15.53 -29.09 8.81
CA ARG A 483 16.53 -28.02 8.63
C ARG A 483 17.16 -27.99 7.23
N ALA A 484 17.46 -29.11 6.63
CA ALA A 484 18.12 -28.99 5.34
C ALA A 484 17.23 -28.49 4.18
N ALA A 485 15.95 -28.86 4.25
CA ALA A 485 14.93 -28.41 3.32
C ALA A 485 14.77 -26.92 3.49
N ARG A 486 14.51 -26.50 4.69
CA ARG A 486 14.39 -25.10 4.96
C ARG A 486 15.55 -24.29 4.43
N GLU A 487 16.79 -24.74 4.68
N GLU A 487 16.79 -24.73 4.66
CA GLU A 487 17.99 -24.01 4.28
CA GLU A 487 17.96 -23.94 4.26
C GLU A 487 18.12 -23.90 2.78
C GLU A 487 18.08 -23.88 2.75
N LEU A 488 17.80 -24.99 2.09
CA LEU A 488 17.97 -25.00 0.66
C LEU A 488 16.90 -24.09 0.04
N GLN A 489 15.68 -24.16 0.61
CA GLN A 489 14.56 -23.40 0.12
C GLN A 489 14.96 -21.97 0.28
N ALA A 490 15.48 -21.62 1.44
CA ALA A 490 15.92 -20.21 1.65
C ALA A 490 17.03 -19.75 0.69
N ASP A 491 17.98 -20.59 0.36
CA ASP A 491 19.03 -20.14 -0.51
C ASP A 491 18.41 -19.82 -1.87
N ALA A 492 17.45 -20.64 -2.28
CA ALA A 492 16.93 -20.50 -3.62
C ALA A 492 16.08 -19.22 -3.67
N LEU A 493 15.25 -19.01 -2.65
CA LEU A 493 14.39 -17.84 -2.60
C LEU A 493 15.26 -16.59 -2.55
N GLU A 494 16.35 -16.64 -1.79
CA GLU A 494 17.26 -15.52 -1.72
C GLU A 494 17.86 -15.15 -3.09
N GLN A 495 18.30 -16.14 -3.88
CA GLN A 495 18.79 -15.82 -5.21
C GLN A 495 17.69 -15.15 -6.07
N LEU A 496 16.49 -15.72 -6.04
CA LEU A 496 15.35 -15.01 -6.67
C LEU A 496 15.17 -13.55 -6.25
N GLY A 497 15.45 -13.28 -4.98
CA GLY A 497 15.31 -11.92 -4.49
C GLY A 497 16.46 -11.02 -4.92
N TYR A 498 17.73 -11.47 -4.85
CA TYR A 498 18.75 -10.67 -5.42
C TYR A 498 18.34 -10.38 -6.89
N GLN A 499 17.72 -11.34 -7.59
CA GLN A 499 17.45 -11.08 -9.03
C GLN A 499 16.24 -10.14 -9.35
N ALA A 500 15.38 -9.92 -8.35
CA ALA A 500 14.14 -9.24 -8.60
C ALA A 500 14.27 -7.79 -8.92
N GLU A 501 13.70 -7.34 -10.04
CA GLU A 501 13.52 -5.88 -10.27
C GLU A 501 12.60 -5.20 -9.27
N ASN A 502 11.60 -5.96 -8.85
CA ASN A 502 10.48 -5.47 -8.08
C ASN A 502 10.81 -5.47 -6.61
N ALA A 503 10.65 -4.33 -5.94
CA ALA A 503 11.06 -4.22 -4.55
C ALA A 503 10.24 -5.08 -3.64
N GLY A 504 8.91 -5.20 -3.89
CA GLY A 504 8.01 -6.02 -3.05
C GLY A 504 8.36 -7.47 -3.26
N TRP A 505 8.77 -7.76 -4.48
CA TRP A 505 9.14 -9.14 -4.77
C TRP A 505 10.45 -9.46 -4.02
N ARG A 506 11.46 -8.56 -4.14
CA ARG A 506 12.76 -8.76 -3.50
C ARG A 506 12.52 -8.94 -1.97
N ASN A 507 11.87 -7.96 -1.36
CA ASN A 507 11.57 -8.05 0.07
C ASN A 507 10.86 -9.29 0.45
N SER A 508 10.03 -9.82 -0.43
CA SER A 508 9.27 -11.05 -0.10
C SER A 508 10.11 -12.30 -0.03
N TYR A 509 10.85 -12.49 -1.13
CA TYR A 509 11.89 -13.48 -1.32
C TYR A 509 12.85 -13.52 -0.09
N LEU A 510 13.35 -12.36 0.35
CA LEU A 510 14.31 -12.28 1.47
C LEU A 510 13.64 -12.45 2.86
N SER A 511 12.42 -11.91 3.05
CA SER A 511 11.65 -12.22 4.25
C SER A 511 11.35 -13.73 4.37
N ALA A 512 11.01 -14.38 3.24
CA ALA A 512 10.69 -15.81 3.31
C ALA A 512 11.99 -16.56 3.70
N ALA A 513 13.11 -16.17 3.09
CA ALA A 513 14.38 -16.80 3.43
C ALA A 513 14.63 -16.55 4.91
N TYR A 514 14.31 -15.37 5.37
CA TYR A 514 14.60 -15.01 6.74
C TYR A 514 13.78 -15.87 7.70
N GLU A 515 12.49 -16.08 7.34
CA GLU A 515 11.61 -16.91 8.16
C GLU A 515 11.96 -18.40 8.12
N LEU A 516 12.44 -18.85 6.98
CA LEU A 516 12.76 -20.22 6.89
C LEU A 516 14.04 -20.56 7.67
N ARG A 517 15.05 -19.68 7.57
CA ARG A 517 16.27 -19.84 8.38
C ARG A 517 16.07 -19.61 9.91
N HIS A 518 15.20 -18.71 10.36
CA HIS A 518 15.21 -18.31 11.76
C HIS A 518 13.93 -18.66 12.50
N GLY A 519 12.81 -18.77 11.79
CA GLY A 519 11.51 -18.94 12.42
C GLY A 519 10.86 -17.57 12.46
N VAL A 520 9.63 -17.55 12.85
CA VAL A 520 8.92 -16.30 12.97
C VAL A 520 9.01 -15.83 14.43
N PRO A 521 9.05 -14.50 14.65
CA PRO A 521 9.02 -13.86 15.95
C PRO A 521 8.12 -14.59 16.94
N ARG A 522 8.76 -15.17 17.97
CA ARG A 522 8.05 -15.72 19.14
C ARG A 522 7.50 -14.65 20.15
N ASP A 523 8.09 -13.43 20.18
CA ASP A 523 7.63 -12.29 21.04
C ASP A 523 6.46 -11.40 20.51
N GLN A 524 6.75 -10.65 19.43
CA GLN A 524 5.86 -9.68 18.72
C GLN A 524 6.44 -8.25 18.56
N GLY A 530 -4.68 0.12 17.51
CA GLY A 530 -5.45 0.95 16.55
C GLY A 530 -5.48 2.49 16.77
N SER A 531 -5.26 3.23 15.67
CA SER A 531 -5.40 4.69 15.62
C SER A 531 -6.77 5.06 16.08
N ALA A 532 -6.88 5.99 17.02
CA ALA A 532 -8.17 6.58 17.32
C ALA A 532 -8.77 7.30 16.12
N ASP A 533 -7.94 7.95 15.29
CA ASP A 533 -8.47 8.70 14.14
C ASP A 533 -9.08 7.69 13.10
N ALA A 534 -8.42 6.56 12.91
CA ALA A 534 -8.93 5.62 11.97
C ALA A 534 -10.21 4.93 12.45
N LEU A 535 -10.31 4.63 13.73
CA LEU A 535 -11.53 4.03 14.18
C LEU A 535 -12.62 5.09 14.01
N ALA A 536 -12.31 6.36 14.29
CA ALA A 536 -13.37 7.36 14.22
C ALA A 536 -13.88 7.47 12.76
N ALA A 537 -12.99 7.21 11.83
CA ALA A 537 -13.32 7.43 10.46
C ALA A 537 -14.16 6.26 9.94
N MSE A 538 -14.12 5.14 10.63
CA MSE A 538 -14.83 3.95 10.21
C MSE A 538 -16.35 4.10 10.36
O MSE A 538 -16.91 4.52 11.42
CB MSE A 538 -14.28 2.79 11.02
CG MSE A 538 -14.59 1.43 10.48
SE MSE A 538 -13.72 0.04 11.56
CE MSE A 538 -11.85 0.61 11.47
N ASP A 539 -17.05 3.80 9.29
CA ASP A 539 -18.49 3.78 9.25
C ASP A 539 -19.02 2.69 10.27
N THR A 540 -20.13 2.99 10.93
CA THR A 540 -20.64 2.14 11.98
C THR A 540 -21.01 0.74 11.45
N GLY A 541 -21.57 0.69 10.25
CA GLY A 541 -21.94 -0.58 9.66
C GLY A 541 -20.73 -1.48 9.51
N LEU A 542 -19.69 -0.87 8.91
CA LEU A 542 -18.43 -1.51 8.66
C LEU A 542 -17.77 -2.01 9.95
N LEU A 543 -17.96 -1.25 11.03
CA LEU A 543 -17.44 -1.61 12.34
C LEU A 543 -18.18 -2.86 12.81
N PHE A 544 -19.48 -2.90 12.71
CA PHE A 544 -20.13 -4.08 13.15
CA PHE A 544 -20.22 -4.06 13.08
C PHE A 544 -19.91 -5.26 12.16
N ASP A 545 -19.65 -4.96 10.90
CA ASP A 545 -19.19 -5.96 9.96
C ASP A 545 -17.90 -6.50 10.53
N TYR A 546 -16.98 -5.68 10.99
CA TYR A 546 -15.69 -6.21 11.50
C TYR A 546 -15.90 -7.05 12.80
N LEU A 547 -16.69 -6.52 13.73
CA LEU A 547 -16.98 -7.30 14.89
C LEU A 547 -17.53 -8.68 14.42
N GLY A 548 -18.37 -8.71 13.37
CA GLY A 548 -18.85 -9.95 12.75
C GLY A 548 -17.79 -10.97 12.29
N VAL A 549 -16.70 -10.42 11.74
CA VAL A 549 -15.55 -11.22 11.37
C VAL A 549 -14.81 -11.69 12.61
N ARG A 550 -14.83 -10.90 13.68
CA ARG A 550 -14.17 -11.36 14.90
C ARG A 550 -14.94 -12.55 15.58
N LEU A 551 -16.22 -12.75 15.24
CA LEU A 551 -17.11 -13.70 15.96
C LEU A 551 -16.57 -15.12 15.93
N ASP A 552 -16.49 -15.74 17.10
N ASP A 552 -16.67 -15.78 17.07
CA ASP A 552 -16.02 -17.12 17.12
CA ASP A 552 -16.08 -17.10 17.28
C ASP A 552 -17.30 -17.90 16.88
C ASP A 552 -17.24 -18.11 17.08
N ALA A 553 -17.23 -18.79 15.93
CA ALA A 553 -18.38 -19.56 15.48
C ALA A 553 -18.70 -20.65 16.44
N GLY A 554 -17.67 -21.27 17.04
CA GLY A 554 -17.87 -22.21 18.18
C GLY A 554 -18.71 -21.65 19.35
N ALA A 555 -18.26 -20.57 19.91
CA ALA A 555 -19.00 -19.91 20.98
C ALA A 555 -20.40 -19.47 20.57
N ALA A 556 -20.63 -19.24 19.27
CA ALA A 556 -21.89 -18.64 18.87
C ALA A 556 -22.93 -19.69 18.53
N GLU A 557 -22.49 -20.88 18.14
CA GLU A 557 -23.43 -21.90 17.77
C GLU A 557 -24.66 -21.96 18.65
N GLY A 558 -25.83 -21.89 18.02
CA GLY A 558 -27.07 -22.16 18.74
C GLY A 558 -27.63 -20.97 19.50
N LYS A 559 -27.00 -19.80 19.39
CA LYS A 559 -27.34 -18.58 20.10
C LYS A 559 -28.13 -17.67 19.19
N ALA A 560 -29.03 -16.89 19.77
CA ALA A 560 -29.94 -16.02 19.03
C ALA A 560 -30.10 -14.88 19.99
N LEU A 561 -29.77 -13.68 19.54
CA LEU A 561 -30.00 -12.52 20.35
C LEU A 561 -30.18 -11.40 19.41
N SER A 562 -30.87 -10.35 19.81
CA SER A 562 -30.93 -9.19 18.92
C SER A 562 -31.01 -7.97 19.79
N ILE A 563 -30.43 -6.86 19.29
CA ILE A 563 -30.22 -5.64 20.04
C ILE A 563 -30.34 -4.40 19.16
N ASN A 564 -31.19 -3.42 19.56
CA ASN A 564 -31.28 -2.11 18.93
C ASN A 564 -30.14 -1.23 19.49
N LEU A 565 -29.35 -0.62 18.60
CA LEU A 565 -28.26 0.22 18.99
C LEU A 565 -28.59 1.64 18.54
N ARG A 566 -28.52 2.61 19.45
CA ARG A 566 -28.83 3.96 19.02
C ARG A 566 -27.63 4.79 19.36
N LEU A 567 -27.05 5.44 18.34
CA LEU A 567 -25.90 6.32 18.44
C LEU A 567 -26.38 7.75 18.21
N PRO A 568 -26.72 8.48 19.30
CA PRO A 568 -27.32 9.81 19.15
C PRO A 568 -26.34 10.93 18.75
N ASP A 569 -25.07 10.91 19.18
CA ASP A 569 -24.15 11.98 18.69
C ASP A 569 -24.25 12.01 17.17
N ILE A 570 -24.36 10.85 16.50
CA ILE A 570 -24.38 10.83 15.00
C ILE A 570 -25.74 10.52 14.41
N GLY A 571 -26.73 10.33 15.25
CA GLY A 571 -28.06 10.23 14.74
C GLY A 571 -28.33 8.97 13.94
N GLU A 572 -27.77 7.85 14.36
CA GLU A 572 -27.86 6.59 13.63
C GLU A 572 -28.41 5.47 14.52
N ASN A 573 -29.26 4.64 13.94
CA ASN A 573 -29.83 3.49 14.59
C ASN A 573 -29.46 2.20 13.89
N TYR A 574 -28.97 1.17 14.59
CA TYR A 574 -28.75 -0.13 13.96
C TYR A 574 -29.51 -1.21 14.62
N LEU A 575 -29.85 -2.25 13.84
CA LEU A 575 -30.34 -3.49 14.41
C LEU A 575 -29.30 -4.64 14.29
N LEU A 576 -28.93 -5.20 15.44
CA LEU A 576 -27.92 -6.21 15.52
C LEU A 576 -28.67 -7.50 15.83
N GLU A 577 -28.45 -8.52 14.98
CA GLU A 577 -29.18 -9.79 15.10
C GLU A 577 -28.15 -10.89 14.97
N LEU A 578 -27.95 -11.66 16.03
CA LEU A 578 -27.08 -12.79 15.98
C LEU A 578 -27.92 -14.02 15.78
N LYS A 579 -27.77 -14.72 14.65
CA LYS A 579 -28.46 -15.97 14.46
C LYS A 579 -27.69 -16.89 13.56
N ASN A 580 -27.93 -18.21 13.69
CA ASN A 580 -27.19 -19.16 12.90
C ASN A 580 -25.65 -18.84 12.89
N SER A 581 -25.08 -18.41 14.01
CA SER A 581 -23.60 -18.16 14.08
C SER A 581 -23.19 -17.09 13.14
N HIS A 582 -24.09 -16.16 12.82
CA HIS A 582 -23.70 -15.04 11.97
C HIS A 582 -24.16 -13.77 12.64
N LEU A 583 -23.30 -12.77 12.79
CA LEU A 583 -23.80 -11.46 13.27
C LEU A 583 -24.18 -10.55 12.15
N ASN A 584 -25.44 -10.11 12.10
CA ASN A 584 -25.97 -9.15 11.08
C ASN A 584 -26.01 -7.75 11.62
N ASN A 585 -25.82 -6.72 10.80
CA ASN A 585 -26.22 -5.38 11.32
C ASN A 585 -26.93 -4.62 10.24
N LEU A 586 -27.98 -3.93 10.62
CA LEU A 586 -28.85 -3.30 9.67
C LEU A 586 -29.08 -1.83 9.98
N ARG A 587 -28.55 -0.96 9.16
CA ARG A 587 -28.67 0.46 9.40
C ARG A 587 -30.11 1.03 9.27
N GLY A 588 -30.52 1.96 10.15
CA GLY A 588 -31.82 2.60 10.02
C GLY A 588 -33.02 1.78 10.44
N VAL A 589 -32.78 0.66 11.13
CA VAL A 589 -33.89 -0.17 11.56
C VAL A 589 -33.90 -0.46 13.06
N GLN A 590 -35.10 -0.58 13.63
CA GLN A 590 -35.25 -0.96 15.00
C GLN A 590 -36.30 -2.04 15.03
N SER A 591 -36.29 -2.85 16.07
CA SER A 591 -37.30 -3.83 16.21
C SER A 591 -37.95 -3.78 17.60
N GLU A 592 -39.27 -3.98 17.68
N GLU A 592 -39.25 -4.05 17.58
CA GLU A 592 -39.92 -4.10 18.99
CA GLU A 592 -40.10 -4.18 18.75
C GLU A 592 -39.51 -5.38 19.70
C GLU A 592 -39.69 -5.39 19.59
N ASP A 593 -39.10 -6.40 18.92
CA ASP A 593 -38.74 -7.68 19.52
C ASP A 593 -37.30 -7.78 20.08
N ALA A 594 -36.51 -6.71 20.08
CA ALA A 594 -35.12 -6.85 20.50
C ALA A 594 -34.99 -7.26 21.97
N GLY A 595 -33.95 -7.97 22.34
CA GLY A 595 -33.84 -8.33 23.76
C GLY A 595 -33.26 -7.21 24.64
N GLN A 596 -32.60 -6.20 24.02
CA GLN A 596 -31.92 -5.12 24.70
C GLN A 596 -31.93 -3.96 23.77
N THR A 597 -32.01 -2.74 24.32
CA THR A 597 -31.89 -1.53 23.49
C THR A 597 -30.81 -0.78 24.20
N VAL A 598 -29.76 -0.44 23.47
CA VAL A 598 -28.55 0.19 24.03
C VAL A 598 -28.41 1.51 23.34
N SER A 599 -28.21 2.57 24.10
CA SER A 599 -27.97 3.85 23.49
C SER A 599 -26.59 4.40 23.94
N ILE A 600 -25.84 4.97 23.02
CA ILE A 600 -24.49 5.32 23.34
C ILE A 600 -23.94 6.05 22.16
N ASP A 601 -23.33 7.20 22.41
CA ASP A 601 -22.64 7.93 21.38
C ASP A 601 -21.57 7.08 20.70
N ARG A 602 -21.42 7.31 19.39
CA ARG A 602 -20.41 6.64 18.58
C ARG A 602 -19.09 6.97 19.22
N ALA A 603 -18.94 8.26 19.54
CA ALA A 603 -17.72 8.70 20.21
C ALA A 603 -17.33 7.85 21.46
N ASP A 604 -18.31 7.48 22.30
CA ASP A 604 -17.98 6.70 23.52
C ASP A 604 -17.88 5.20 23.15
N LEU A 605 -18.59 4.78 22.10
CA LEU A 605 -18.45 3.40 21.64
C LEU A 605 -16.99 3.18 21.19
N ASN A 606 -16.44 4.18 20.48
CA ASN A 606 -15.02 4.18 20.03
C ASN A 606 -14.06 4.04 21.20
N ARG A 607 -14.17 4.92 22.20
CA ARG A 607 -13.43 4.75 23.44
C ARG A 607 -13.62 3.34 24.07
N LEU A 608 -14.84 2.84 24.21
CA LEU A 608 -15.00 1.47 24.65
C LEU A 608 -14.19 0.47 23.85
N LEU A 609 -14.16 0.59 22.50
CA LEU A 609 -13.50 -0.40 21.65
C LEU A 609 -11.98 -0.34 21.70
N LEU A 610 -11.49 0.86 22.00
CA LEU A 610 -10.08 1.15 22.10
C LEU A 610 -9.59 1.00 23.56
N LYS A 611 -10.43 0.42 24.44
CA LYS A 611 -10.08 0.15 25.87
C LYS A 611 -9.64 1.42 26.64
N GLU A 612 -10.07 2.58 26.20
CA GLU A 612 -9.77 3.82 26.88
C GLU A 612 -10.76 4.07 28.04
N VAL A 613 -11.83 3.28 28.09
CA VAL A 613 -12.89 3.50 29.06
C VAL A 613 -13.54 2.15 29.21
N SER A 614 -14.30 1.94 30.28
CA SER A 614 -15.00 0.64 30.44
C SER A 614 -16.52 0.79 30.28
N ALA A 615 -17.18 -0.33 30.05
CA ALA A 615 -18.64 -0.30 29.97
C ALA A 615 -19.21 0.27 31.31
N VAL A 616 -18.59 -0.14 32.40
CA VAL A 616 -19.10 0.22 33.70
C VAL A 616 -19.04 1.76 33.89
N ARG A 617 -17.85 2.28 33.60
N ARG A 617 -17.86 2.36 33.65
CA ARG A 617 -17.54 3.69 33.68
CA ARG A 617 -17.74 3.81 33.81
C ARG A 617 -18.54 4.51 32.88
C ARG A 617 -18.75 4.49 32.94
N LEU A 618 -18.95 3.96 31.72
CA LEU A 618 -19.84 4.65 30.83
C LEU A 618 -21.28 4.55 31.31
N VAL A 619 -21.69 3.46 31.97
CA VAL A 619 -23.05 3.54 32.54
C VAL A 619 -23.06 4.60 33.61
N PHE A 620 -22.16 4.45 34.62
CA PHE A 620 -22.08 5.39 35.76
C PHE A 620 -22.14 6.88 35.36
N GLU A 621 -21.48 7.21 34.23
CA GLU A 621 -21.45 8.58 33.70
C GLU A 621 -22.72 8.97 33.00
N GLY A 622 -23.61 7.98 32.84
CA GLY A 622 -24.87 8.13 32.07
C GLY A 622 -24.61 8.32 30.58
N LYS A 623 -23.72 7.50 30.03
CA LYS A 623 -23.31 7.60 28.62
C LYS A 623 -23.50 6.26 27.85
N LEU A 624 -23.79 5.19 28.58
CA LEU A 624 -24.28 3.95 28.04
C LEU A 624 -25.55 3.59 28.87
N LYS A 625 -26.70 4.09 28.41
CA LYS A 625 -28.06 3.68 28.85
C LYS A 625 -28.55 2.35 28.20
N SER A 626 -29.33 1.56 28.93
CA SER A 626 -29.88 0.31 28.38
C SER A 626 -31.33 0.07 28.73
N SER A 627 -32.07 -0.69 27.90
CA SER A 627 -33.27 -1.35 28.43
C SER A 627 -33.42 -2.72 27.87
N GLY A 628 -34.33 -3.52 28.49
CA GLY A 628 -34.52 -4.90 28.16
C GLY A 628 -33.49 -5.69 28.91
N ASN A 629 -33.04 -6.82 28.38
CA ASN A 629 -32.09 -7.70 29.06
C ASN A 629 -30.75 -7.02 29.07
N PRO A 630 -30.20 -6.69 30.26
CA PRO A 630 -28.98 -5.80 30.22
C PRO A 630 -27.70 -6.57 29.81
N LEU A 631 -27.80 -7.89 29.74
CA LEU A 631 -26.69 -8.78 29.46
C LEU A 631 -26.33 -9.01 27.97
N LEU A 632 -27.19 -8.65 26.99
CA LEU A 632 -26.95 -9.19 25.64
C LEU A 632 -25.67 -8.67 25.04
N LEU A 633 -25.49 -7.35 25.15
CA LEU A 633 -24.40 -6.70 24.46
C LEU A 633 -23.13 -7.31 24.93
N GLY A 634 -22.99 -7.54 26.25
CA GLY A 634 -21.81 -8.17 26.84
C GLY A 634 -21.65 -9.60 26.35
N GLN A 635 -22.73 -10.38 26.31
CA GLN A 635 -22.64 -11.74 25.78
C GLN A 635 -22.11 -11.76 24.34
N LEU A 636 -22.54 -10.78 23.53
CA LEU A 636 -22.10 -10.61 22.18
C LEU A 636 -20.64 -10.24 22.10
N PHE A 637 -20.25 -9.20 22.84
CA PHE A 637 -18.85 -8.90 22.88
C PHE A 637 -18.03 -10.11 23.32
N GLY A 638 -18.52 -10.95 24.23
CA GLY A 638 -17.75 -12.07 24.78
C GLY A 638 -17.58 -13.24 23.84
N MSE A 639 -18.20 -13.19 22.67
CA MSE A 639 -18.08 -14.29 21.70
C MSE A 639 -17.09 -13.87 20.67
O MSE A 639 -16.79 -14.63 19.78
CB MSE A 639 -19.43 -14.56 21.02
CG MSE A 639 -20.42 -15.32 21.85
SE MSE A 639 -22.20 -15.09 21.10
CE MSE A 639 -23.32 -15.31 22.69
N LEU A 640 -16.62 -12.63 20.77
CA LEU A 640 -15.60 -12.07 19.84
C LEU A 640 -14.19 -12.54 20.09
N GLY A 641 -13.65 -13.38 19.21
CA GLY A 641 -12.24 -13.83 19.28
C GLY A 641 -11.27 -12.78 18.75
N ASP A 642 -9.98 -13.05 18.85
N ASP A 642 -9.98 -13.07 18.87
CA ASP A 642 -8.97 -12.14 18.30
CA ASP A 642 -8.90 -12.18 18.40
C ASP A 642 -7.92 -12.93 17.47
C ASP A 642 -7.96 -12.94 17.41
N PHE A 643 -7.11 -12.23 16.67
CA PHE A 643 -6.13 -12.93 15.79
C PHE A 643 -4.65 -12.79 16.17
N ASP A 644 -3.87 -13.87 16.15
N ASP A 644 -3.90 -13.89 16.05
CA ASP A 644 -2.44 -13.66 16.31
CA ASP A 644 -2.42 -13.84 16.03
C ASP A 644 -1.83 -13.12 15.00
C ASP A 644 -1.95 -13.00 14.84
N PHE A 645 -1.12 -12.01 15.10
CA PHE A 645 -0.42 -11.35 14.01
C PHE A 645 0.60 -12.19 13.21
N TRP A 646 1.57 -12.80 13.91
CA TRP A 646 2.67 -13.59 13.31
C TRP A 646 2.23 -15.01 12.96
N PHE A 647 1.14 -15.18 12.20
CA PHE A 647 0.92 -16.50 11.67
C PHE A 647 2.04 -16.94 10.70
N ASP A 648 2.15 -18.24 10.57
CA ASP A 648 3.02 -18.86 9.59
C ASP A 648 2.59 -18.67 8.12
N ILE A 649 3.60 -18.50 7.26
CA ILE A 649 3.38 -18.32 5.82
C ILE A 649 4.15 -19.38 5.03
N VAL A 650 5.42 -19.54 5.38
CA VAL A 650 6.31 -20.37 4.62
C VAL A 650 6.37 -21.78 5.19
N THR A 651 5.56 -22.05 6.20
CA THR A 651 5.48 -23.42 6.70
C THR A 651 4.04 -23.60 7.03
N PRO A 652 3.56 -24.83 7.12
CA PRO A 652 2.22 -25.01 7.60
C PRO A 652 2.26 -24.50 9.03
N ALA A 653 1.08 -24.08 9.52
CA ALA A 653 0.85 -23.63 10.91
C ALA A 653 1.52 -24.49 12.02
N ALA A 654 2.06 -23.79 13.02
CA ALA A 654 2.80 -24.41 14.18
C ALA A 654 1.88 -25.17 15.17
N LYS A 655 2.48 -25.99 16.03
ZN ZN B . 0.98 6.75 -2.15
ZN ZN C . -2.06 5.57 -2.77
#